data_3DPM
#
_entry.id   3DPM
#
_cell.length_a   63.640
_cell.length_b   112.070
_cell.length_c   164.130
_cell.angle_alpha   90.00
_cell.angle_beta   90.00
_cell.angle_gamma   90.00
#
_symmetry.space_group_name_H-M   'P 21 21 21'
#
loop_
_entity.id
_entity.type
_entity.pdbx_description
1 polymer 'Protein CT_858'
2 non-polymer N-acetyl-S-({(2R,3S,4R)-3-hydroxy-2-[(1S)-1-hydroxy-2-methylpropyl]-4-methyl-5-oxopyrrolidin-2-yl}carbonyl)cysteine
3 water water
#
_entity_poly.entity_id   1
_entity_poly.type   'polypeptide(L)'
_entity_poly.pdbx_seq_one_letter_code
;SLVCKNALQDLSFLEHLLQVKYAPKTWKEQYLGWDLVQSSVSAQQKLRTQENPSTSFCQQVLADFIGGLNDFHAGVTFFA
IESAYLPYTVQKSSDGRFYFVDIMTFSSEIRVGDELLEVDGAPVQDVLATLYGSNHKGTAAEESAALRTLFSRMASLGHK
VPSGRTTLKIRRPFGTTREVRVKWRYVPEGVGDLATIAPSIRAPQLQKSMRSFFPKKDDAFHRSSSLFYSPMVPHFWAEL
RNHYATSGLKSGYNIGSTDGFLPVIGPVIWESEGLFRAYISSVTDGDGKSHKVGFLRIPTYSWQDMEDFDPSGPPPWEEF
AKIIQVFSSNTEALIIDQTNNPGGSVLYLYALLSMLTDRPLELPKHRMILTQDEVVDALDWLTLLENVDTNVESRLALGD
NMEGYTVDLQVAEYLKSFGRQVLNCWSKGDIELSTPIPLFGFEKIHPHPRVQYSKPICVLINEQDFSCADFFPVVLKDND
RALIVGTRTAGAGGFVFNVQFPNRTGIKTCSLTGSLAVREHGAFIENIGVEPHIDLPFTANDIRYKGYSEYLDKVKKLVC
QLINNDGTIILAEDGSFHHHHHH
;
_entity_poly.pdbx_strand_id   A,B
#
# COMPACT_ATOMS: atom_id res chain seq x y z
N SER A 1 -5.93 32.71 -6.48
CA SER A 1 -6.74 31.57 -7.03
C SER A 1 -6.52 30.26 -6.26
N LEU A 2 -7.61 29.68 -5.79
CA LEU A 2 -7.58 28.45 -5.02
C LEU A 2 -6.85 27.28 -5.69
N VAL A 3 -7.17 27.01 -6.96
CA VAL A 3 -6.49 25.90 -7.63
C VAL A 3 -4.99 26.17 -7.72
N CYS A 4 -4.65 27.46 -7.84
CA CYS A 4 -3.26 27.86 -7.92
C CYS A 4 -2.53 27.73 -6.58
N LYS A 5 -3.14 28.20 -5.49
CA LYS A 5 -2.53 28.09 -4.15
C LYS A 5 -2.22 26.63 -3.87
N ASN A 6 -3.18 25.77 -4.21
CA ASN A 6 -3.04 24.34 -3.98
C ASN A 6 -1.91 23.73 -4.77
N ALA A 7 -1.79 24.12 -6.03
CA ALA A 7 -0.72 23.59 -6.89
C ALA A 7 0.64 24.06 -6.37
N LEU A 8 0.72 25.29 -5.89
CA LEU A 8 1.98 25.80 -5.35
C LEU A 8 2.34 25.02 -4.08
N GLN A 9 1.34 24.79 -3.24
CA GLN A 9 1.57 24.06 -2.00
C GLN A 9 1.99 22.61 -2.32
N ASP A 10 1.33 21.99 -3.29
CA ASP A 10 1.67 20.63 -3.64
C ASP A 10 3.00 20.54 -4.41
N LEU A 11 3.31 21.59 -5.15
CA LEU A 11 4.57 21.66 -5.89
C LEU A 11 5.69 21.70 -4.84
N SER A 12 5.48 22.49 -3.81
CA SER A 12 6.50 22.62 -2.77
C SER A 12 6.73 21.29 -2.07
N PHE A 13 5.70 20.45 -1.97
CA PHE A 13 5.89 19.15 -1.34
C PHE A 13 6.66 18.22 -2.28
N LEU A 14 6.42 18.32 -3.59
CA LEU A 14 7.16 17.49 -4.52
C LEU A 14 8.62 17.90 -4.47
N GLU A 15 8.86 19.20 -4.45
CA GLU A 15 10.20 19.77 -4.37
C GLU A 15 10.95 19.22 -3.15
N HIS A 16 10.24 19.15 -2.03
CA HIS A 16 10.83 18.65 -0.80
C HIS A 16 11.16 17.16 -0.91
N LEU A 17 10.29 16.40 -1.54
CA LEU A 17 10.50 14.96 -1.72
C LEU A 17 11.79 14.68 -2.48
N LEU A 18 12.14 15.56 -3.40
CA LEU A 18 13.35 15.42 -4.20
C LEU A 18 14.62 15.76 -3.41
N GLN A 19 14.45 16.42 -2.27
CA GLN A 19 15.59 16.80 -1.42
C GLN A 19 15.80 15.77 -0.32
N VAL A 20 14.89 14.80 -0.22
CA VAL A 20 14.96 13.79 0.83
C VAL A 20 15.21 12.34 0.40
N LYS A 21 14.52 11.87 -0.63
CA LYS A 21 14.66 10.48 -1.06
C LYS A 21 14.93 10.25 -2.55
N TYR A 22 15.46 11.25 -3.24
CA TYR A 22 15.75 11.10 -4.64
C TYR A 22 17.24 10.87 -4.82
N ALA A 23 17.63 9.61 -4.90
CA ALA A 23 19.05 9.21 -5.03
C ALA A 23 19.84 9.78 -6.20
N PRO A 24 19.22 9.91 -7.37
CA PRO A 24 20.08 10.46 -8.42
C PRO A 24 20.13 11.99 -8.54
N LYS A 25 19.75 12.71 -7.48
CA LYS A 25 19.78 14.17 -7.53
C LYS A 25 21.14 14.73 -7.95
N THR A 26 22.18 14.36 -7.22
CA THR A 26 23.53 14.80 -7.52
C THR A 26 23.92 14.48 -8.96
N TRP A 27 23.48 13.34 -9.45
CA TRP A 27 23.79 12.94 -10.82
C TRP A 27 23.05 13.80 -11.83
N LYS A 28 21.80 14.14 -11.54
CA LYS A 28 21.02 14.94 -12.47
C LYS A 28 21.55 16.37 -12.54
N GLU A 29 22.13 16.85 -11.45
CA GLU A 29 22.68 18.21 -11.41
C GLU A 29 23.95 18.33 -12.25
N GLN A 30 24.78 17.31 -12.21
CA GLN A 30 26.03 17.34 -12.96
C GLN A 30 25.99 16.80 -14.39
N TYR A 31 25.23 15.73 -14.62
CA TYR A 31 25.15 15.19 -15.96
C TYR A 31 24.15 15.96 -16.83
N LEU A 32 23.06 16.42 -16.22
CA LEU A 32 22.03 17.15 -16.94
C LEU A 32 22.06 18.67 -16.73
N GLY A 33 22.80 19.13 -15.73
CA GLY A 33 22.85 20.56 -15.47
C GLY A 33 21.52 21.00 -14.90
N TRP A 34 20.80 20.02 -14.36
CA TRP A 34 19.49 20.25 -13.76
C TRP A 34 19.68 20.95 -12.42
N ASP A 35 18.73 21.83 -12.09
CA ASP A 35 18.77 22.58 -10.84
C ASP A 35 17.37 22.59 -10.20
N LEU A 36 17.26 22.00 -9.01
CA LEU A 36 15.96 21.92 -8.34
C LEU A 36 15.27 23.28 -8.18
N VAL A 37 15.84 24.16 -7.38
CA VAL A 37 15.27 25.48 -7.15
C VAL A 37 14.94 26.25 -8.44
N GLN A 38 15.76 26.08 -9.46
CA GLN A 38 15.52 26.78 -10.72
C GLN A 38 14.26 26.27 -11.41
N SER A 39 14.15 24.94 -11.54
CA SER A 39 12.99 24.30 -12.16
C SER A 39 11.74 24.61 -11.36
N SER A 40 11.87 24.56 -10.04
CA SER A 40 10.75 24.84 -9.16
C SER A 40 10.21 26.23 -9.44
N VAL A 41 11.09 27.22 -9.39
CA VAL A 41 10.73 28.61 -9.62
C VAL A 41 10.10 28.79 -10.99
N SER A 42 10.53 27.98 -11.95
CA SER A 42 9.98 28.06 -13.29
C SER A 42 8.54 27.54 -13.28
N ALA A 43 8.30 26.46 -12.55
CA ALA A 43 6.96 25.90 -12.46
C ALA A 43 6.03 26.89 -11.77
N GLN A 44 6.50 27.46 -10.66
CA GLN A 44 5.71 28.45 -9.90
C GLN A 44 5.27 29.58 -10.80
N GLN A 45 6.15 29.97 -11.72
CA GLN A 45 5.82 31.05 -12.64
C GLN A 45 4.69 30.67 -13.56
N LYS A 46 4.78 29.50 -14.17
CA LYS A 46 3.72 29.05 -15.07
C LYS A 46 2.36 28.99 -14.37
N LEU A 47 2.34 28.56 -13.12
CA LEU A 47 1.12 28.48 -12.35
C LEU A 47 0.54 29.89 -12.07
N ARG A 48 1.36 30.76 -11.48
CA ARG A 48 0.92 32.12 -11.12
C ARG A 48 0.57 32.97 -12.34
N THR A 49 1.37 32.81 -13.38
CA THR A 49 1.19 33.57 -14.60
C THR A 49 -0.06 33.17 -15.38
N GLN A 50 -0.75 32.12 -14.95
CA GLN A 50 -1.94 31.70 -15.69
C GLN A 50 -3.25 32.37 -15.31
N GLU A 51 -4.00 32.74 -16.34
CA GLU A 51 -5.30 33.38 -16.16
C GLU A 51 -6.34 32.39 -15.67
N ASN A 52 -6.70 32.48 -14.39
CA ASN A 52 -7.70 31.58 -13.82
C ASN A 52 -7.52 30.13 -14.31
N PRO A 53 -6.44 29.47 -13.87
CA PRO A 53 -6.05 28.10 -14.22
C PRO A 53 -7.04 26.99 -13.83
N SER A 54 -7.05 25.94 -14.63
CA SER A 54 -7.91 24.79 -14.38
C SER A 54 -7.06 23.77 -13.62
N THR A 55 -7.71 22.77 -13.06
CA THR A 55 -7.02 21.71 -12.33
C THR A 55 -6.06 20.94 -13.24
N SER A 56 -6.52 20.58 -14.44
CA SER A 56 -5.66 19.82 -15.34
C SER A 56 -4.45 20.62 -15.82
N PHE A 57 -4.59 21.94 -15.94
CA PHE A 57 -3.49 22.79 -16.35
C PHE A 57 -2.39 22.65 -15.29
N CYS A 58 -2.79 22.82 -14.03
CA CYS A 58 -1.85 22.69 -12.93
C CYS A 58 -1.23 21.29 -12.92
N GLN A 59 -2.04 20.26 -13.17
CA GLN A 59 -1.50 18.90 -13.21
C GLN A 59 -0.43 18.80 -14.28
N GLN A 60 -0.67 19.42 -15.43
CA GLN A 60 0.31 19.39 -16.52
C GLN A 60 1.64 20.02 -16.12
N VAL A 61 1.57 21.15 -15.43
CA VAL A 61 2.78 21.84 -14.99
C VAL A 61 3.55 21.00 -13.98
N LEU A 62 2.87 20.34 -13.07
CA LEU A 62 3.56 19.52 -12.08
C LEU A 62 4.19 18.28 -12.72
N ALA A 63 3.56 17.76 -13.77
CA ALA A 63 4.08 16.61 -14.51
C ALA A 63 5.30 17.03 -15.32
N ASP A 64 5.27 18.24 -15.83
CA ASP A 64 6.39 18.77 -16.60
C ASP A 64 7.58 18.99 -15.64
N PHE A 65 7.30 19.45 -14.43
CA PHE A 65 8.33 19.67 -13.42
C PHE A 65 9.04 18.32 -13.19
N ILE A 66 8.28 17.29 -12.84
CA ILE A 66 8.85 15.96 -12.61
C ILE A 66 9.52 15.40 -13.86
N GLY A 67 8.97 15.74 -15.02
CA GLY A 67 9.55 15.26 -16.27
C GLY A 67 10.91 15.89 -16.53
N GLY A 68 11.16 17.04 -15.92
CA GLY A 68 12.44 17.70 -16.11
C GLY A 68 13.60 16.89 -15.54
N LEU A 69 13.29 15.92 -14.67
CA LEU A 69 14.32 15.08 -14.08
C LEU A 69 14.89 14.13 -15.12
N ASN A 70 14.18 14.01 -16.24
CA ASN A 70 14.61 13.11 -17.33
C ASN A 70 14.92 11.72 -16.77
N ASP A 71 13.98 11.19 -15.98
CA ASP A 71 14.10 9.89 -15.32
C ASP A 71 12.83 9.11 -15.65
N PHE A 72 12.99 7.94 -16.27
CA PHE A 72 11.84 7.11 -16.63
C PHE A 72 11.10 6.54 -15.42
N HIS A 73 11.78 6.51 -14.27
CA HIS A 73 11.19 6.00 -13.04
C HIS A 73 10.56 7.13 -12.21
N ALA A 74 10.87 8.38 -12.55
CA ALA A 74 10.32 9.53 -11.84
C ALA A 74 9.10 10.07 -12.58
N GLY A 75 7.93 9.99 -11.94
CA GLY A 75 6.70 10.46 -12.58
C GLY A 75 5.59 10.81 -11.59
N VAL A 76 4.48 11.30 -12.11
CA VAL A 76 3.35 11.68 -11.26
C VAL A 76 2.09 11.29 -11.98
N THR A 77 1.24 10.52 -11.30
CA THR A 77 -0.03 10.13 -11.91
C THR A 77 -1.11 10.95 -11.21
N PHE A 78 -2.21 11.20 -11.90
CA PHE A 78 -3.29 11.98 -11.34
C PHE A 78 -4.63 11.26 -11.37
N PHE A 79 -5.48 11.61 -10.40
CA PHE A 79 -6.83 11.08 -10.30
C PHE A 79 -7.63 11.80 -11.38
N ALA A 80 -7.46 11.38 -12.63
CA ALA A 80 -8.17 12.01 -13.73
C ALA A 80 -8.38 10.93 -14.78
N ILE A 81 -9.53 10.93 -15.44
CA ILE A 81 -9.83 9.90 -16.43
C ILE A 81 -9.88 10.35 -17.86
N GLU A 82 -9.86 11.66 -18.10
CA GLU A 82 -9.89 12.15 -19.47
C GLU A 82 -8.75 11.49 -20.25
N SER A 83 -9.03 11.14 -21.51
CA SER A 83 -8.01 10.53 -22.35
C SER A 83 -8.45 10.47 -23.81
N ALA A 84 -7.47 10.41 -24.70
CA ALA A 84 -7.72 10.35 -26.14
C ALA A 84 -6.77 9.31 -26.71
N TYR A 85 -7.22 8.63 -27.75
CA TYR A 85 -6.44 7.58 -28.36
C TYR A 85 -6.74 7.47 -29.86
N LEU A 86 -5.72 7.08 -30.63
CA LEU A 86 -5.85 6.86 -32.08
C LEU A 86 -5.28 5.46 -32.31
N PRO A 87 -6.04 4.58 -32.97
CA PRO A 87 -5.68 3.19 -33.28
C PRO A 87 -4.52 2.94 -34.24
N TYR A 88 -3.36 3.51 -33.96
CA TYR A 88 -2.22 3.33 -34.84
C TYR A 88 -0.92 3.13 -34.05
N THR A 89 0.03 2.43 -34.64
CA THR A 89 1.33 2.20 -34.01
C THR A 89 2.36 2.57 -35.08
N VAL A 90 3.37 3.30 -34.68
CA VAL A 90 4.40 3.74 -35.61
C VAL A 90 5.79 3.37 -35.13
N GLN A 91 6.71 3.16 -36.08
CA GLN A 91 8.10 2.84 -35.74
C GLN A 91 9.04 3.73 -36.54
N LYS A 92 10.02 4.30 -35.86
CA LYS A 92 10.98 5.20 -36.49
C LYS A 92 12.22 4.45 -36.95
N SER A 93 12.63 4.69 -38.19
CA SER A 93 13.82 4.06 -38.75
C SER A 93 15.04 4.92 -38.37
N SER A 94 16.25 4.45 -38.64
CA SER A 94 17.42 5.22 -38.27
C SER A 94 17.60 6.53 -39.03
N ASP A 95 17.10 6.60 -40.27
CA ASP A 95 17.23 7.80 -41.08
C ASP A 95 16.22 8.88 -40.70
N GLY A 96 15.38 8.58 -39.71
CA GLY A 96 14.39 9.54 -39.26
C GLY A 96 13.02 9.55 -39.90
N ARG A 97 12.55 8.40 -40.36
CA ARG A 97 11.23 8.32 -40.98
C ARG A 97 10.27 7.44 -40.17
N PHE A 98 9.01 7.82 -40.14
CA PHE A 98 8.00 7.06 -39.39
C PHE A 98 7.00 6.31 -40.28
N TYR A 99 6.99 4.99 -40.15
CA TYR A 99 6.08 4.15 -40.92
C TYR A 99 5.12 3.40 -40.02
N PHE A 100 3.87 3.31 -40.43
CA PHE A 100 2.88 2.58 -39.66
C PHE A 100 3.28 1.10 -39.70
N VAL A 101 3.17 0.40 -38.57
CA VAL A 101 3.53 -1.00 -38.52
C VAL A 101 2.33 -1.77 -37.99
N ASP A 102 1.35 -1.04 -37.48
CA ASP A 102 0.16 -1.68 -36.96
C ASP A 102 -1.02 -0.73 -36.98
N ILE A 103 -2.18 -1.25 -37.38
CA ILE A 103 -3.39 -0.47 -37.46
C ILE A 103 -4.52 -1.24 -36.79
N MET A 104 -4.89 -0.80 -35.59
CA MET A 104 -5.94 -1.47 -34.83
C MET A 104 -7.36 -1.06 -35.25
N THR A 105 -7.55 -0.78 -36.53
CA THR A 105 -8.87 -0.38 -37.02
C THR A 105 -9.16 -0.95 -38.40
N PHE A 106 -10.36 -0.71 -38.90
CA PHE A 106 -10.79 -1.18 -40.22
C PHE A 106 -9.86 -0.68 -41.32
N SER A 107 -9.96 -1.29 -42.50
CA SER A 107 -9.12 -0.92 -43.64
C SER A 107 -9.34 0.54 -44.03
N SER A 108 -8.87 1.44 -43.18
CA SER A 108 -9.01 2.87 -43.45
C SER A 108 -8.03 3.28 -44.54
N GLU A 109 -7.96 4.58 -44.83
CA GLU A 109 -7.05 5.06 -45.84
C GLU A 109 -5.60 4.70 -45.51
N ILE A 110 -5.31 4.49 -44.22
CA ILE A 110 -3.96 4.14 -43.81
C ILE A 110 -3.68 2.65 -43.85
N ARG A 111 -2.53 2.29 -44.41
CA ARG A 111 -2.12 0.90 -44.50
C ARG A 111 -0.75 0.76 -43.86
N VAL A 112 -0.40 -0.47 -43.50
CA VAL A 112 0.89 -0.75 -42.92
C VAL A 112 1.91 -0.44 -44.01
N GLY A 113 3.02 0.18 -43.64
CA GLY A 113 4.01 0.50 -44.64
C GLY A 113 3.95 1.96 -45.02
N ASP A 114 2.77 2.57 -44.91
CA ASP A 114 2.63 3.98 -45.25
C ASP A 114 3.56 4.80 -44.37
N GLU A 115 4.02 5.94 -44.88
CA GLU A 115 4.91 6.81 -44.11
C GLU A 115 4.07 7.95 -43.53
N LEU A 116 4.29 8.23 -42.25
CA LEU A 116 3.57 9.31 -41.59
C LEU A 116 4.39 10.57 -41.72
N LEU A 117 3.84 11.58 -42.39
CA LEU A 117 4.55 12.83 -42.61
C LEU A 117 4.18 13.95 -41.64
N GLU A 118 2.89 14.13 -41.39
CA GLU A 118 2.46 15.18 -40.49
C GLU A 118 1.29 14.77 -39.61
N VAL A 119 1.07 15.56 -38.58
CA VAL A 119 -0.03 15.36 -37.64
C VAL A 119 -0.56 16.78 -37.40
N ASP A 120 -1.85 16.98 -37.62
CA ASP A 120 -2.47 18.28 -37.42
C ASP A 120 -1.79 19.43 -38.18
N GLY A 121 -1.34 19.16 -39.39
CA GLY A 121 -0.68 20.20 -40.18
C GLY A 121 0.79 20.46 -39.87
N ALA A 122 1.28 19.93 -38.75
CA ALA A 122 2.68 20.11 -38.38
C ALA A 122 3.45 18.83 -38.63
N PRO A 123 4.73 18.93 -38.99
CA PRO A 123 5.47 17.68 -39.22
C PRO A 123 5.57 16.86 -37.93
N VAL A 124 5.60 15.55 -38.08
CA VAL A 124 5.68 14.62 -36.96
C VAL A 124 6.74 15.02 -35.94
N GLN A 125 7.96 15.29 -36.42
CA GLN A 125 9.05 15.67 -35.54
C GLN A 125 8.72 16.85 -34.61
N ASP A 126 8.09 17.90 -35.15
CA ASP A 126 7.74 19.04 -34.32
C ASP A 126 6.62 18.71 -33.32
N VAL A 127 5.74 17.78 -33.70
CA VAL A 127 4.67 17.38 -32.80
C VAL A 127 5.30 16.63 -31.62
N LEU A 128 6.32 15.82 -31.89
CA LEU A 128 6.98 15.08 -30.84
C LEU A 128 7.71 16.04 -29.88
N ALA A 129 8.38 17.04 -30.44
CA ALA A 129 9.09 18.00 -29.63
C ALA A 129 8.19 18.66 -28.57
N THR A 130 6.91 18.87 -28.90
CA THR A 130 5.99 19.47 -27.93
C THR A 130 5.78 18.52 -26.76
N LEU A 131 6.15 17.25 -26.96
CA LEU A 131 5.97 16.24 -25.93
C LEU A 131 7.24 15.93 -25.14
N TYR A 132 8.39 16.40 -25.62
CA TYR A 132 9.65 16.14 -24.92
C TYR A 132 9.67 16.83 -23.56
N GLY A 133 10.56 16.38 -22.67
CA GLY A 133 10.64 16.98 -21.35
C GLY A 133 11.61 18.16 -21.36
N SER A 134 11.54 18.97 -20.32
CA SER A 134 12.41 20.15 -20.18
C SER A 134 13.86 19.91 -20.57
N ASN A 135 14.47 18.88 -20.00
CA ASN A 135 15.86 18.57 -20.25
C ASN A 135 16.07 17.43 -21.23
N HIS A 136 15.28 17.44 -22.30
CA HIS A 136 15.39 16.42 -23.33
C HIS A 136 16.85 16.43 -23.80
N LYS A 137 17.45 15.24 -23.94
CA LYS A 137 18.84 15.17 -24.37
C LYS A 137 19.04 14.53 -25.75
N GLY A 138 17.95 14.37 -26.49
CA GLY A 138 18.04 13.81 -27.82
C GLY A 138 18.24 12.31 -27.96
N THR A 139 18.33 11.60 -26.85
CA THR A 139 18.53 10.16 -26.90
C THR A 139 17.36 9.52 -27.62
N ALA A 140 17.59 8.33 -28.16
CA ALA A 140 16.54 7.60 -28.86
C ALA A 140 15.49 7.12 -27.85
N ALA A 141 15.94 6.80 -26.65
CA ALA A 141 15.03 6.34 -25.61
C ALA A 141 13.98 7.41 -25.35
N GLU A 142 14.44 8.66 -25.21
CA GLU A 142 13.54 9.79 -24.96
C GLU A 142 12.57 10.03 -26.10
N GLU A 143 13.03 9.82 -27.30
CA GLU A 143 12.23 10.01 -28.50
C GLU A 143 11.26 8.88 -28.73
N SER A 144 11.61 7.68 -28.31
CA SER A 144 10.67 6.57 -28.43
C SER A 144 9.59 6.73 -27.35
N ALA A 145 9.98 7.22 -26.17
CA ALA A 145 9.02 7.39 -25.10
C ALA A 145 7.96 8.41 -25.53
N ALA A 146 8.39 9.44 -26.26
CA ALA A 146 7.46 10.45 -26.72
C ALA A 146 6.59 9.87 -27.86
N LEU A 147 7.21 9.11 -28.74
CA LEU A 147 6.48 8.51 -29.84
C LEU A 147 5.35 7.62 -29.29
N ARG A 148 5.60 6.98 -28.15
CA ARG A 148 4.59 6.11 -27.56
C ARG A 148 3.35 6.88 -27.11
N THR A 149 3.48 8.19 -26.93
CA THR A 149 2.33 8.96 -26.52
C THR A 149 1.70 9.74 -27.68
N LEU A 150 2.33 9.68 -28.85
CA LEU A 150 1.81 10.40 -30.04
C LEU A 150 0.31 10.13 -30.23
N PHE A 151 -0.06 8.85 -30.16
CA PHE A 151 -1.45 8.43 -30.35
C PHE A 151 -2.13 7.97 -29.06
N SER A 152 -1.58 8.32 -27.91
CA SER A 152 -2.18 7.91 -26.63
C SER A 152 -1.93 8.97 -25.55
N ARG A 153 -2.88 9.87 -25.38
CA ARG A 153 -2.77 10.97 -24.41
C ARG A 153 -3.65 10.72 -23.19
N MET A 154 -3.06 10.78 -22.01
CA MET A 154 -3.79 10.55 -20.78
C MET A 154 -3.61 11.63 -19.73
N ALA A 155 -4.72 12.17 -19.25
CA ALA A 155 -4.66 13.21 -18.23
C ALA A 155 -4.20 12.60 -16.92
N SER A 156 -4.34 11.28 -16.80
CA SER A 156 -3.89 10.62 -15.58
C SER A 156 -2.38 10.71 -15.49
N LEU A 157 -1.74 11.04 -16.61
CA LEU A 157 -0.29 11.17 -16.65
C LEU A 157 0.12 12.61 -16.90
N GLY A 158 -0.84 13.52 -16.79
CA GLY A 158 -0.53 14.93 -16.98
C GLY A 158 -0.43 15.41 -18.43
N HIS A 159 -0.91 14.62 -19.38
CA HIS A 159 -0.87 15.00 -20.79
C HIS A 159 -2.05 15.90 -21.07
N LYS A 160 -1.95 16.73 -22.10
CA LYS A 160 -3.07 17.55 -22.51
C LYS A 160 -3.83 16.59 -23.41
N VAL A 161 -5.12 16.44 -23.16
CA VAL A 161 -5.90 15.52 -23.97
C VAL A 161 -6.62 16.23 -25.11
N PRO A 162 -6.31 15.85 -26.34
CA PRO A 162 -6.98 16.47 -27.48
C PRO A 162 -8.28 15.75 -27.80
N SER A 163 -9.10 16.34 -28.66
CA SER A 163 -10.35 15.72 -29.05
C SER A 163 -10.77 16.24 -30.42
N GLY A 164 -11.84 15.67 -30.96
CA GLY A 164 -12.30 16.09 -32.26
C GLY A 164 -11.50 15.44 -33.37
N ARG A 165 -11.67 15.96 -34.58
CA ARG A 165 -10.95 15.43 -35.73
C ARG A 165 -9.54 15.99 -35.83
N THR A 166 -8.68 15.29 -36.56
CA THR A 166 -7.31 15.75 -36.77
C THR A 166 -6.87 15.23 -38.13
N THR A 167 -5.77 15.75 -38.65
CA THR A 167 -5.31 15.32 -39.97
C THR A 167 -3.95 14.65 -39.95
N LEU A 168 -3.89 13.43 -40.44
CA LEU A 168 -2.63 12.72 -40.55
C LEU A 168 -2.24 12.76 -42.03
N LYS A 169 -1.06 13.30 -42.34
CA LYS A 169 -0.62 13.31 -43.73
C LYS A 169 0.33 12.13 -43.90
N ILE A 170 0.02 11.25 -44.85
CA ILE A 170 0.86 10.09 -45.09
C ILE A 170 1.30 10.00 -46.54
N ARG A 171 2.23 9.09 -46.80
CA ARG A 171 2.74 8.86 -48.14
C ARG A 171 2.66 7.37 -48.43
N ARG A 172 2.03 7.05 -49.56
CA ARG A 172 1.88 5.66 -50.01
C ARG A 172 3.24 5.21 -50.49
N PRO A 173 3.48 3.88 -50.49
CA PRO A 173 4.78 3.39 -50.95
C PRO A 173 5.08 3.81 -52.39
N PHE A 174 4.05 3.95 -53.22
CA PHE A 174 4.29 4.32 -54.59
C PHE A 174 4.25 5.82 -54.88
N GLY A 175 4.49 6.64 -53.86
CA GLY A 175 4.55 8.07 -54.09
C GLY A 175 3.38 8.98 -53.79
N THR A 176 2.15 8.44 -53.77
CA THR A 176 0.99 9.27 -53.51
C THR A 176 0.88 9.74 -52.06
N THR A 177 0.69 11.03 -51.89
CA THR A 177 0.56 11.63 -50.57
C THR A 177 -0.89 12.04 -50.33
N ARG A 178 -1.44 11.60 -49.20
CA ARG A 178 -2.83 11.91 -48.84
C ARG A 178 -2.99 12.48 -47.42
N GLU A 179 -3.98 13.33 -47.24
CA GLU A 179 -4.29 13.92 -45.95
C GLU A 179 -5.50 13.14 -45.46
N VAL A 180 -5.36 12.46 -44.34
CA VAL A 180 -6.45 11.66 -43.82
C VAL A 180 -7.08 12.25 -42.58
N ARG A 181 -8.37 12.54 -42.64
CA ARG A 181 -9.05 13.10 -41.48
C ARG A 181 -9.44 11.94 -40.57
N VAL A 182 -9.12 12.05 -39.29
CA VAL A 182 -9.45 11.00 -38.32
C VAL A 182 -10.07 11.64 -37.09
N LYS A 183 -10.57 10.82 -36.19
CA LYS A 183 -11.21 11.33 -34.99
C LYS A 183 -10.65 10.66 -33.75
N TRP A 184 -10.37 11.46 -32.73
CA TRP A 184 -9.83 10.90 -31.50
C TRP A 184 -10.88 10.10 -30.74
N ARG A 185 -10.50 8.90 -30.29
CA ARG A 185 -11.40 8.10 -29.46
C ARG A 185 -11.21 8.88 -28.17
N TYR A 186 -12.21 9.66 -27.81
CA TYR A 186 -12.13 10.53 -26.64
C TYR A 186 -12.97 10.18 -25.42
N VAL A 187 -12.35 10.13 -24.26
CA VAL A 187 -13.08 9.87 -23.02
C VAL A 187 -13.03 11.19 -22.25
N PRO A 188 -14.19 11.85 -22.08
CA PRO A 188 -14.23 13.12 -21.36
C PRO A 188 -13.88 13.00 -19.88
N GLU A 189 -13.59 14.13 -19.25
CA GLU A 189 -13.22 14.10 -17.84
C GLU A 189 -14.46 13.88 -16.98
N GLY A 190 -14.29 13.07 -15.93
CA GLY A 190 -15.40 12.78 -15.03
C GLY A 190 -15.21 13.44 -13.68
N VAL A 191 -13.96 13.83 -13.38
CA VAL A 191 -13.63 14.48 -12.11
C VAL A 191 -13.70 15.99 -12.31
N GLY A 192 -14.77 16.59 -11.81
CA GLY A 192 -14.97 18.02 -11.96
C GLY A 192 -13.79 18.90 -11.67
N ASP A 193 -13.62 19.91 -12.52
CA ASP A 193 -12.54 20.88 -12.38
C ASP A 193 -12.81 21.74 -11.15
N LEU A 194 -11.89 21.67 -10.19
CA LEU A 194 -12.02 22.39 -8.94
C LEU A 194 -12.15 23.92 -9.06
N ALA A 195 -11.63 24.48 -10.14
CA ALA A 195 -11.69 25.93 -10.35
C ALA A 195 -13.13 26.36 -10.58
N THR A 196 -13.90 25.47 -11.18
CA THR A 196 -15.31 25.73 -11.46
C THR A 196 -16.15 25.56 -10.20
N ILE A 197 -15.57 24.92 -9.20
CA ILE A 197 -16.27 24.67 -7.95
C ILE A 197 -15.81 25.63 -6.85
N ALA A 198 -14.59 26.14 -7.01
CA ALA A 198 -13.98 27.04 -6.03
C ALA A 198 -14.86 28.14 -5.42
N PRO A 199 -15.46 28.99 -6.26
CA PRO A 199 -16.32 30.08 -5.78
C PRO A 199 -17.45 29.68 -4.84
N SER A 200 -17.92 28.44 -4.95
CA SER A 200 -19.02 27.98 -4.11
C SER A 200 -18.62 27.03 -2.99
N ILE A 201 -17.33 26.84 -2.74
CA ILE A 201 -16.93 25.94 -1.67
C ILE A 201 -17.28 26.58 -0.34
N ARG A 202 -18.08 25.88 0.44
CA ARG A 202 -18.52 26.39 1.73
C ARG A 202 -17.64 25.97 2.89
N ALA A 203 -17.54 26.83 3.89
CA ALA A 203 -16.74 26.55 5.07
C ALA A 203 -17.42 25.45 5.88
N PRO A 204 -16.61 24.63 6.59
CA PRO A 204 -17.17 23.54 7.40
C PRO A 204 -18.09 24.03 8.52
N GLN A 205 -19.28 23.43 8.59
CA GLN A 205 -20.30 23.77 9.58
C GLN A 205 -20.74 22.49 10.29
N LEU A 206 -20.84 22.52 11.62
CA LEU A 206 -21.22 21.33 12.38
C LEU A 206 -22.71 20.95 12.35
N GLN A 207 -22.97 19.65 12.46
CA GLN A 207 -24.32 19.05 12.46
C GLN A 207 -25.42 19.94 11.88
N GLY A 252 3.96 -8.63 -30.96
CA GLY A 252 3.49 -7.29 -31.30
C GLY A 252 4.50 -6.21 -30.99
N TYR A 253 4.07 -4.96 -31.09
CA TYR A 253 4.96 -3.82 -30.84
C TYR A 253 4.88 -3.19 -29.46
N ASN A 254 3.96 -3.66 -28.63
CA ASN A 254 3.86 -3.10 -27.28
C ASN A 254 5.01 -3.52 -26.38
N ILE A 255 5.35 -2.65 -25.44
CA ILE A 255 6.40 -2.95 -24.48
C ILE A 255 5.86 -4.12 -23.69
N GLY A 256 6.66 -5.17 -23.55
CA GLY A 256 6.22 -6.32 -22.79
C GLY A 256 5.47 -7.37 -23.59
N SER A 257 5.36 -7.17 -24.90
CA SER A 257 4.68 -8.15 -25.74
C SER A 257 5.42 -9.48 -25.67
N THR A 258 4.69 -10.57 -25.45
CA THR A 258 5.30 -11.89 -25.36
C THR A 258 6.06 -12.28 -26.63
N ASP A 259 5.39 -12.19 -27.78
CA ASP A 259 6.00 -12.57 -29.06
C ASP A 259 6.94 -11.56 -29.70
N GLY A 260 6.74 -10.28 -29.41
CA GLY A 260 7.60 -9.27 -30.00
C GLY A 260 7.18 -9.03 -31.44
N PHE A 261 8.06 -8.45 -32.24
CA PHE A 261 7.72 -8.14 -33.62
C PHE A 261 8.73 -8.66 -34.66
N LEU A 262 9.69 -9.46 -34.21
CA LEU A 262 10.68 -10.01 -35.13
C LEU A 262 10.16 -11.34 -35.69
N PRO A 263 10.27 -11.53 -37.01
CA PRO A 263 9.82 -12.79 -37.62
C PRO A 263 10.98 -13.77 -37.54
N VAL A 264 10.68 -15.07 -37.50
CA VAL A 264 11.71 -16.11 -37.41
C VAL A 264 12.91 -15.85 -38.32
N ILE A 265 14.09 -16.30 -37.91
CA ILE A 265 15.30 -16.09 -38.72
C ILE A 265 15.55 -17.22 -39.72
N GLY A 266 14.69 -18.23 -39.68
CA GLY A 266 14.83 -19.35 -40.59
C GLY A 266 13.72 -20.36 -40.36
N PRO A 267 13.72 -21.47 -41.11
CA PRO A 267 12.70 -22.51 -40.96
C PRO A 267 12.67 -23.14 -39.57
N VAL A 268 11.48 -23.10 -38.95
CA VAL A 268 11.27 -23.66 -37.62
C VAL A 268 11.28 -25.18 -37.64
N ILE A 269 12.32 -25.75 -37.03
CA ILE A 269 12.46 -27.20 -36.95
C ILE A 269 11.86 -27.69 -35.63
N TRP A 270 11.83 -26.80 -34.64
CA TRP A 270 11.26 -27.10 -33.33
C TRP A 270 10.54 -25.89 -32.77
N GLU A 271 9.59 -26.12 -31.88
CA GLU A 271 8.84 -25.01 -31.32
C GLU A 271 8.19 -25.30 -29.97
N SER A 272 8.37 -24.39 -29.03
CA SER A 272 7.80 -24.48 -27.69
C SER A 272 6.34 -24.08 -27.79
N GLU A 273 5.52 -24.55 -26.87
CA GLU A 273 4.11 -24.20 -26.89
C GLU A 273 3.66 -23.64 -25.56
N GLY A 274 4.63 -23.30 -24.72
CA GLY A 274 4.32 -22.76 -23.41
C GLY A 274 3.92 -21.30 -23.45
N LEU A 275 4.39 -20.55 -22.45
CA LEU A 275 4.11 -19.13 -22.32
C LEU A 275 5.05 -18.32 -23.21
N PHE A 276 6.32 -18.71 -23.25
CA PHE A 276 7.33 -18.01 -24.06
C PHE A 276 7.27 -18.34 -25.54
N ARG A 277 7.93 -17.50 -26.33
CA ARG A 277 8.03 -17.71 -27.76
C ARG A 277 9.47 -18.18 -27.95
N ALA A 278 9.62 -19.46 -28.25
CA ALA A 278 10.95 -20.04 -28.45
C ALA A 278 10.89 -21.13 -29.52
N TYR A 279 11.97 -21.26 -30.28
CA TYR A 279 12.02 -22.27 -31.33
C TYR A 279 13.46 -22.45 -31.79
N ILE A 280 13.69 -23.50 -32.57
CA ILE A 280 15.02 -23.77 -33.08
C ILE A 280 14.96 -23.66 -34.59
N SER A 281 15.94 -23.00 -35.16
CA SER A 281 16.00 -22.82 -36.60
C SER A 281 17.37 -23.24 -37.08
N SER A 282 17.44 -23.59 -38.37
CA SER A 282 18.70 -24.02 -38.96
C SER A 282 19.25 -22.93 -39.87
N VAL A 283 20.21 -22.18 -39.34
CA VAL A 283 20.85 -21.11 -40.08
C VAL A 283 22.09 -21.65 -40.77
N THR A 284 22.04 -21.71 -42.08
CA THR A 284 23.17 -22.18 -42.89
C THR A 284 24.11 -20.99 -43.08
N ASP A 285 25.29 -21.04 -42.46
CA ASP A 285 26.24 -19.93 -42.56
C ASP A 285 26.61 -19.61 -44.00
N GLY A 286 27.64 -18.78 -44.16
CA GLY A 286 28.06 -18.39 -45.49
C GLY A 286 28.45 -19.53 -46.41
N ASP A 287 28.82 -20.67 -45.83
CA ASP A 287 29.23 -21.84 -46.61
C ASP A 287 28.19 -22.95 -46.60
N GLY A 288 26.93 -22.57 -46.77
CA GLY A 288 25.84 -23.53 -46.81
C GLY A 288 25.76 -24.52 -45.65
N LYS A 289 26.72 -24.45 -44.73
CA LYS A 289 26.70 -25.36 -43.60
C LYS A 289 25.67 -24.94 -42.57
N SER A 290 24.63 -25.76 -42.43
CA SER A 290 23.53 -25.51 -41.50
C SER A 290 23.90 -25.69 -40.03
N HIS A 291 23.50 -24.73 -39.20
CA HIS A 291 23.75 -24.77 -37.76
C HIS A 291 22.39 -24.66 -37.07
N LYS A 292 22.19 -25.37 -35.97
CA LYS A 292 20.92 -25.28 -35.26
C LYS A 292 21.02 -24.17 -34.21
N VAL A 293 20.25 -23.11 -34.42
CA VAL A 293 20.24 -21.94 -33.54
C VAL A 293 18.88 -21.74 -32.88
N GLY A 294 18.89 -21.51 -31.57
CA GLY A 294 17.65 -21.30 -30.86
C GLY A 294 17.30 -19.82 -30.77
N PHE A 295 16.01 -19.53 -30.56
CA PHE A 295 15.54 -18.16 -30.44
C PHE A 295 14.57 -18.09 -29.27
N LEU A 296 14.86 -17.17 -28.35
CA LEU A 296 14.05 -17.03 -27.17
C LEU A 296 13.74 -15.56 -26.91
N ARG A 297 12.50 -15.28 -26.53
CA ARG A 297 12.15 -13.90 -26.24
C ARG A 297 11.81 -13.74 -24.77
N ILE A 298 12.50 -12.81 -24.12
CA ILE A 298 12.24 -12.48 -22.71
C ILE A 298 11.41 -11.20 -22.85
N PRO A 299 10.09 -11.30 -22.73
CA PRO A 299 9.18 -10.16 -22.86
C PRO A 299 9.14 -9.18 -21.69
N THR A 300 9.17 -9.72 -20.48
CA THR A 300 9.11 -8.88 -19.30
C THR A 300 9.72 -9.61 -18.13
N TYR A 301 9.96 -8.89 -17.04
CA TYR A 301 10.52 -9.50 -15.85
C TYR A 301 9.52 -9.54 -14.73
N SER A 302 8.29 -9.11 -15.01
CA SER A 302 7.22 -9.18 -14.02
C SER A 302 6.32 -10.32 -14.48
N TRP A 303 6.86 -11.53 -14.35
CA TRP A 303 6.19 -12.77 -14.75
C TRP A 303 4.71 -12.88 -14.45
N GLN A 304 4.24 -12.24 -13.39
CA GLN A 304 2.83 -12.32 -13.05
C GLN A 304 1.92 -11.62 -14.05
N ASP A 305 2.46 -10.63 -14.75
CA ASP A 305 1.69 -9.88 -15.71
C ASP A 305 1.76 -10.47 -17.11
N MET A 306 2.58 -11.50 -17.30
CA MET A 306 2.71 -12.12 -18.61
C MET A 306 1.37 -12.54 -19.21
N GLU A 307 1.35 -12.59 -20.54
CA GLU A 307 0.16 -12.99 -21.28
C GLU A 307 -0.18 -14.44 -20.96
N ASP A 308 -1.42 -14.70 -20.59
CA ASP A 308 -1.87 -16.06 -20.30
C ASP A 308 -1.26 -16.70 -19.08
N PHE A 309 -0.56 -15.93 -18.25
CA PHE A 309 0.03 -16.51 -17.05
C PHE A 309 -1.10 -17.01 -16.16
N ASP A 310 -0.87 -18.15 -15.51
CA ASP A 310 -1.88 -18.73 -14.63
C ASP A 310 -1.24 -19.03 -13.28
N PRO A 311 -1.65 -18.31 -12.22
CA PRO A 311 -1.10 -18.52 -10.88
C PRO A 311 -1.25 -19.97 -10.41
N SER A 312 -2.44 -20.52 -10.59
CA SER A 312 -2.72 -21.89 -10.20
C SER A 312 -2.11 -22.86 -11.21
N GLY A 313 -0.78 -22.95 -11.21
CA GLY A 313 -0.08 -23.83 -12.12
C GLY A 313 1.42 -23.58 -12.10
N PRO A 314 2.22 -24.37 -12.83
CA PRO A 314 3.68 -24.22 -12.87
C PRO A 314 4.16 -22.81 -13.29
N PRO A 315 5.07 -22.22 -12.51
CA PRO A 315 5.65 -20.89 -12.74
C PRO A 315 6.51 -20.75 -13.99
N PRO A 316 6.54 -19.52 -14.56
CA PRO A 316 7.32 -19.24 -15.76
C PRO A 316 8.80 -19.61 -15.68
N TRP A 317 9.40 -19.52 -14.50
CA TRP A 317 10.82 -19.88 -14.43
C TRP A 317 11.01 -21.38 -14.67
N GLU A 318 10.00 -22.19 -14.32
CA GLU A 318 10.09 -23.63 -14.54
C GLU A 318 9.98 -23.94 -16.05
N GLU A 319 9.17 -23.16 -16.76
CA GLU A 319 9.04 -23.40 -18.19
C GLU A 319 10.31 -22.94 -18.89
N PHE A 320 10.94 -21.93 -18.32
CA PHE A 320 12.18 -21.40 -18.88
C PHE A 320 13.25 -22.48 -18.78
N ALA A 321 13.25 -23.18 -17.65
CA ALA A 321 14.21 -24.24 -17.42
C ALA A 321 14.00 -25.35 -18.45
N LYS A 322 12.74 -25.64 -18.74
CA LYS A 322 12.43 -26.67 -19.72
C LYS A 322 12.99 -26.31 -21.08
N ILE A 323 12.70 -25.10 -21.52
CA ILE A 323 13.17 -24.63 -22.82
C ILE A 323 14.69 -24.67 -22.92
N ILE A 324 15.39 -24.26 -21.86
CA ILE A 324 16.84 -24.25 -21.88
C ILE A 324 17.43 -25.65 -21.96
N GLN A 325 16.81 -26.61 -21.26
CA GLN A 325 17.30 -27.98 -21.30
C GLN A 325 17.30 -28.47 -22.75
N VAL A 326 16.30 -28.03 -23.50
CA VAL A 326 16.15 -28.39 -24.91
C VAL A 326 17.23 -27.79 -25.79
N PHE A 327 17.58 -26.53 -25.53
CA PHE A 327 18.59 -25.83 -26.31
C PHE A 327 19.98 -26.37 -26.01
N SER A 328 20.19 -26.81 -24.78
CA SER A 328 21.49 -27.36 -24.37
C SER A 328 21.78 -28.61 -25.19
N SER A 329 20.73 -29.26 -25.66
CA SER A 329 20.84 -30.47 -26.43
C SER A 329 20.76 -30.28 -27.94
N ASN A 330 19.83 -29.43 -28.37
CA ASN A 330 19.61 -29.23 -29.80
C ASN A 330 19.98 -27.90 -30.44
N THR A 331 21.01 -27.23 -29.93
CA THR A 331 21.42 -25.94 -30.51
C THR A 331 22.92 -25.76 -30.33
N GLU A 332 23.49 -24.88 -31.16
CA GLU A 332 24.91 -24.62 -31.09
C GLU A 332 25.10 -23.16 -30.70
N ALA A 333 23.99 -22.44 -30.59
CA ALA A 333 24.00 -21.03 -30.22
C ALA A 333 22.60 -20.60 -29.84
N LEU A 334 22.48 -19.46 -29.18
CA LEU A 334 21.18 -18.97 -28.75
C LEU A 334 21.04 -17.45 -28.89
N ILE A 335 19.96 -17.03 -29.56
CA ILE A 335 19.65 -15.61 -29.74
C ILE A 335 18.53 -15.26 -28.79
N ILE A 336 18.79 -14.30 -27.89
CA ILE A 336 17.77 -13.85 -26.94
C ILE A 336 17.20 -12.51 -27.40
N ASP A 337 15.90 -12.48 -27.69
CA ASP A 337 15.24 -11.24 -28.09
C ASP A 337 14.75 -10.59 -26.80
N GLN A 338 15.41 -9.53 -26.37
CA GLN A 338 15.01 -8.85 -25.15
C GLN A 338 14.60 -7.39 -25.36
N THR A 339 14.20 -7.04 -26.59
CA THR A 339 13.78 -5.67 -26.89
C THR A 339 12.38 -5.37 -26.36
N ASN A 340 12.04 -4.09 -26.23
CA ASN A 340 10.71 -3.70 -25.74
C ASN A 340 10.31 -4.46 -24.47
N ASN A 341 11.18 -4.39 -23.46
CA ASN A 341 10.95 -5.06 -22.18
C ASN A 341 10.89 -3.98 -21.10
N PRO A 342 9.81 -3.96 -20.30
CA PRO A 342 9.68 -2.94 -19.25
C PRO A 342 10.43 -3.20 -17.94
N GLY A 343 11.09 -4.35 -17.84
CA GLY A 343 11.79 -4.68 -16.60
C GLY A 343 10.81 -5.37 -15.65
N GLY A 344 11.10 -5.37 -14.35
CA GLY A 344 10.21 -5.99 -13.38
C GLY A 344 10.92 -6.55 -12.15
N SER A 345 10.60 -7.79 -11.78
CA SER A 345 11.21 -8.42 -10.61
C SER A 345 12.67 -8.82 -10.75
N VAL A 346 13.51 -8.23 -9.89
CA VAL A 346 14.95 -8.49 -9.86
C VAL A 346 15.31 -9.96 -9.62
N LEU A 347 14.67 -10.58 -8.63
CA LEU A 347 14.94 -11.96 -8.31
C LEU A 347 14.70 -12.87 -9.51
N TYR A 348 13.58 -12.63 -10.19
CA TYR A 348 13.20 -13.39 -11.38
C TYR A 348 14.29 -13.19 -12.44
N LEU A 349 14.85 -11.98 -12.50
CA LEU A 349 15.91 -11.69 -13.46
C LEU A 349 17.16 -12.51 -13.11
N TYR A 350 17.47 -12.61 -11.82
CA TYR A 350 18.63 -13.40 -11.41
C TYR A 350 18.37 -14.89 -11.71
N ALA A 351 17.12 -15.31 -11.58
CA ALA A 351 16.74 -16.69 -11.84
C ALA A 351 17.11 -17.08 -13.27
N LEU A 352 16.60 -16.30 -14.23
CA LEU A 352 16.87 -16.55 -15.64
C LEU A 352 18.36 -16.51 -15.93
N LEU A 353 19.05 -15.52 -15.37
CA LEU A 353 20.49 -15.40 -15.60
C LEU A 353 21.28 -16.59 -15.06
N SER A 354 20.79 -17.24 -14.01
CA SER A 354 21.49 -18.39 -13.44
C SER A 354 21.32 -19.63 -14.32
N MET A 355 20.33 -19.60 -15.21
CA MET A 355 20.10 -20.73 -16.10
C MET A 355 20.76 -20.53 -17.46
N LEU A 356 21.57 -19.49 -17.58
CA LEU A 356 22.24 -19.19 -18.84
C LEU A 356 23.73 -19.16 -18.69
N THR A 357 24.24 -19.65 -17.57
CA THR A 357 25.67 -19.65 -17.35
C THR A 357 26.14 -20.86 -16.51
N ASP A 358 27.40 -21.25 -16.68
CA ASP A 358 27.91 -22.35 -15.89
C ASP A 358 29.04 -21.84 -15.00
N ARG A 359 29.24 -20.52 -15.04
CA ARG A 359 30.25 -19.85 -14.22
C ARG A 359 29.55 -18.66 -13.58
N PRO A 360 29.99 -18.26 -12.37
CA PRO A 360 29.37 -17.12 -11.70
C PRO A 360 29.52 -15.78 -12.44
N LEU A 361 28.55 -14.90 -12.24
CA LEU A 361 28.56 -13.59 -12.88
C LEU A 361 28.56 -12.47 -11.84
N GLU A 362 29.39 -11.45 -12.05
CA GLU A 362 29.48 -10.30 -11.14
C GLU A 362 28.23 -9.46 -11.30
N LEU A 363 27.73 -8.91 -10.20
CA LEU A 363 26.52 -8.08 -10.26
C LEU A 363 26.78 -6.60 -9.96
N PRO A 364 25.99 -5.71 -10.60
CA PRO A 364 26.16 -4.27 -10.36
C PRO A 364 25.70 -3.97 -8.95
N LYS A 365 26.07 -2.79 -8.44
CA LYS A 365 25.69 -2.39 -7.09
C LYS A 365 24.90 -1.09 -7.11
N HIS A 366 24.32 -0.74 -5.97
CA HIS A 366 23.50 0.45 -5.85
C HIS A 366 23.94 1.42 -4.75
N ARG A 367 24.03 2.72 -5.09
CA ARG A 367 24.35 3.77 -4.10
C ARG A 367 22.94 4.17 -3.64
N MET A 368 22.65 3.96 -2.37
CA MET A 368 21.31 4.26 -1.87
C MET A 368 21.21 5.47 -0.96
N ILE A 369 20.01 6.05 -0.90
CA ILE A 369 19.73 7.15 0.01
C ILE A 369 19.03 6.44 1.15
N LEU A 370 19.51 6.62 2.38
CA LEU A 370 18.90 5.93 3.50
C LEU A 370 18.14 6.78 4.52
N THR A 371 17.04 6.21 5.02
CA THR A 371 16.18 6.82 6.06
C THR A 371 15.96 5.62 6.98
N GLN A 372 15.42 5.81 8.19
CA GLN A 372 15.22 4.65 9.06
C GLN A 372 14.25 3.61 8.48
N ASP A 373 13.54 3.99 7.43
CA ASP A 373 12.62 3.07 6.75
C ASP A 373 13.50 1.93 6.23
N GLU A 374 14.59 2.27 5.56
CA GLU A 374 15.51 1.29 5.02
C GLU A 374 16.27 0.56 6.12
N VAL A 375 16.56 1.26 7.22
CA VAL A 375 17.27 0.61 8.30
C VAL A 375 16.39 -0.48 8.85
N VAL A 376 15.09 -0.22 8.93
CA VAL A 376 14.15 -1.22 9.44
C VAL A 376 14.02 -2.42 8.51
N ASP A 377 14.02 -2.17 7.20
CA ASP A 377 13.95 -3.27 6.23
C ASP A 377 15.15 -4.17 6.46
N ALA A 378 16.30 -3.54 6.71
CA ALA A 378 17.53 -4.25 6.98
C ALA A 378 17.42 -5.13 8.23
N LEU A 379 16.94 -4.55 9.32
CA LEU A 379 16.79 -5.29 10.57
C LEU A 379 15.87 -6.48 10.39
N ASP A 380 14.81 -6.28 9.60
CA ASP A 380 13.83 -7.32 9.32
C ASP A 380 14.45 -8.54 8.65
N TRP A 381 15.36 -8.33 7.70
CA TRP A 381 16.02 -9.45 7.05
C TRP A 381 16.81 -10.18 8.14
N LEU A 382 17.49 -9.39 8.98
CA LEU A 382 18.29 -9.97 10.04
C LEU A 382 17.50 -10.79 11.08
N THR A 383 16.31 -10.36 11.46
CA THR A 383 15.56 -11.16 12.43
C THR A 383 14.97 -12.39 11.74
N LEU A 384 14.45 -12.19 10.54
CA LEU A 384 13.85 -13.27 9.75
C LEU A 384 14.82 -14.45 9.58
N LEU A 385 16.09 -14.15 9.39
CA LEU A 385 17.10 -15.19 9.20
C LEU A 385 18.02 -15.32 10.42
N GLU A 386 17.57 -14.81 11.55
CA GLU A 386 18.37 -14.88 12.77
C GLU A 386 18.79 -16.29 13.15
N ASN A 387 17.87 -17.24 12.99
CA ASN A 387 18.16 -18.62 13.32
C ASN A 387 18.45 -19.53 12.13
N VAL A 388 18.72 -18.93 10.97
CA VAL A 388 19.03 -19.71 9.78
C VAL A 388 20.54 -19.97 9.83
N ASP A 389 20.93 -21.24 9.85
CA ASP A 389 22.36 -21.58 9.92
C ASP A 389 22.77 -22.78 9.08
N THR A 390 21.88 -23.25 8.22
CA THR A 390 22.16 -24.39 7.36
C THR A 390 21.38 -24.27 6.05
N ASN A 391 21.75 -25.03 5.03
CA ASN A 391 21.06 -24.96 3.75
C ASN A 391 19.57 -25.27 3.96
N VAL A 392 19.28 -26.36 4.67
CA VAL A 392 17.91 -26.77 4.95
C VAL A 392 17.06 -25.68 5.60
N GLU A 393 17.61 -25.05 6.63
CA GLU A 393 16.90 -23.98 7.32
C GLU A 393 16.71 -22.80 6.37
N SER A 394 17.70 -22.56 5.52
CA SER A 394 17.62 -21.47 4.56
C SER A 394 16.39 -21.61 3.68
N ARG A 395 16.11 -22.82 3.24
CA ARG A 395 14.97 -23.06 2.39
C ARG A 395 13.65 -23.09 3.16
N LEU A 396 13.72 -23.46 4.44
CA LEU A 396 12.53 -23.49 5.28
C LEU A 396 12.07 -22.05 5.50
N ALA A 397 13.04 -21.14 5.50
CA ALA A 397 12.74 -19.73 5.72
C ALA A 397 12.39 -18.98 4.43
N LEU A 398 13.06 -19.31 3.34
CA LEU A 398 12.82 -18.61 2.08
C LEU A 398 12.07 -19.40 1.01
N GLY A 399 12.04 -20.72 1.14
CA GLY A 399 11.36 -21.56 0.16
C GLY A 399 12.43 -22.21 -0.69
N ASP A 400 12.09 -23.24 -1.46
CA ASP A 400 13.10 -23.88 -2.30
C ASP A 400 13.77 -22.87 -3.23
N ASN A 401 13.07 -21.77 -3.49
CA ASN A 401 13.60 -20.73 -4.37
C ASN A 401 12.84 -19.43 -4.22
N MET A 402 13.43 -18.33 -4.68
CA MET A 402 12.79 -17.02 -4.64
C MET A 402 12.59 -16.59 -6.09
N GLU A 403 11.37 -16.75 -6.58
CA GLU A 403 11.00 -16.40 -7.94
C GLU A 403 11.94 -17.06 -8.96
N GLY A 404 12.27 -18.31 -8.68
CA GLY A 404 13.13 -19.07 -9.57
C GLY A 404 14.59 -19.17 -9.16
N TYR A 405 15.06 -18.25 -8.33
CA TYR A 405 16.46 -18.28 -7.91
C TYR A 405 16.66 -19.27 -6.79
N THR A 406 17.52 -20.26 -7.04
CA THR A 406 17.81 -21.30 -6.07
C THR A 406 18.20 -20.79 -4.68
N VAL A 407 17.45 -21.20 -3.66
CA VAL A 407 17.73 -20.79 -2.29
C VAL A 407 18.74 -21.71 -1.65
N ASP A 408 19.73 -21.11 -0.98
CA ASP A 408 20.80 -21.87 -0.37
C ASP A 408 21.31 -21.08 0.84
N LEU A 409 22.09 -21.73 1.71
CA LEU A 409 22.63 -21.07 2.90
C LEU A 409 23.41 -19.81 2.48
N GLN A 410 24.09 -19.91 1.34
CA GLN A 410 24.87 -18.81 0.78
C GLN A 410 23.94 -17.62 0.52
N VAL A 411 22.77 -17.93 -0.02
CA VAL A 411 21.77 -16.89 -0.32
C VAL A 411 21.38 -16.18 0.96
N ALA A 412 21.11 -16.96 2.01
CA ALA A 412 20.74 -16.40 3.29
C ALA A 412 21.88 -15.53 3.86
N GLU A 413 23.12 -16.01 3.73
CA GLU A 413 24.26 -15.26 4.22
C GLU A 413 24.36 -13.94 3.44
N TYR A 414 24.03 -13.99 2.16
CA TYR A 414 24.03 -12.80 1.31
C TYR A 414 23.04 -11.76 1.85
N LEU A 415 21.84 -12.22 2.19
CA LEU A 415 20.81 -11.34 2.72
C LEU A 415 21.18 -10.74 4.08
N LYS A 416 21.81 -11.53 4.94
CA LYS A 416 22.21 -11.03 6.23
C LYS A 416 23.31 -10.00 6.02
N SER A 417 24.19 -10.27 5.07
CA SER A 417 25.28 -9.36 4.76
C SER A 417 24.73 -8.01 4.28
N PHE A 418 23.63 -8.06 3.53
CA PHE A 418 22.97 -6.85 3.01
C PHE A 418 22.44 -6.02 4.17
N GLY A 419 21.78 -6.70 5.11
CA GLY A 419 21.26 -6.01 6.27
C GLY A 419 22.39 -5.42 7.10
N ARG A 420 23.52 -6.12 7.17
CA ARG A 420 24.64 -5.60 7.94
C ARG A 420 25.34 -4.43 7.26
N GLN A 421 25.37 -4.45 5.92
CA GLN A 421 25.99 -3.38 5.15
C GLN A 421 25.18 -2.09 5.26
N VAL A 422 23.85 -2.20 5.28
CA VAL A 422 23.00 -1.03 5.40
C VAL A 422 23.15 -0.42 6.80
N LEU A 423 23.22 -1.28 7.81
CA LEU A 423 23.36 -0.81 9.18
C LEU A 423 24.70 -0.12 9.35
N ASN A 424 25.75 -0.67 8.74
CA ASN A 424 27.06 -0.06 8.85
C ASN A 424 27.07 1.32 8.22
N CYS A 425 26.44 1.46 7.05
CA CYS A 425 26.36 2.74 6.38
C CYS A 425 25.64 3.78 7.24
N TRP A 426 24.52 3.36 7.83
CA TRP A 426 23.74 4.25 8.69
C TRP A 426 24.59 4.78 9.83
N SER A 427 25.30 3.87 10.50
CA SER A 427 26.14 4.24 11.63
C SER A 427 27.31 5.16 11.24
N LYS A 428 27.70 5.16 9.98
CA LYS A 428 28.80 6.01 9.51
C LYS A 428 28.33 7.34 8.94
N GLY A 429 27.02 7.51 8.80
CA GLY A 429 26.49 8.74 8.23
C GLY A 429 26.53 8.73 6.72
N ASP A 430 26.83 7.58 6.14
CA ASP A 430 26.90 7.44 4.68
C ASP A 430 25.49 7.13 4.21
N ILE A 431 24.62 8.11 4.38
CA ILE A 431 23.21 7.94 4.06
C ILE A 431 22.64 8.85 2.98
N GLU A 432 23.44 9.79 2.50
CA GLU A 432 22.99 10.68 1.44
C GLU A 432 23.11 9.95 0.11
N LEU A 433 24.22 9.24 -0.05
CA LEU A 433 24.46 8.45 -1.25
C LEU A 433 25.51 7.42 -0.85
N SER A 434 25.04 6.37 -0.18
CA SER A 434 25.90 5.32 0.33
C SER A 434 26.88 4.73 -0.68
N THR A 435 27.91 4.08 -0.14
CA THR A 435 28.90 3.40 -0.95
C THR A 435 28.09 2.34 -1.69
N PRO A 436 28.58 1.84 -2.83
CA PRO A 436 27.76 0.82 -3.51
C PRO A 436 27.46 -0.44 -2.70
N ILE A 437 26.22 -0.91 -2.83
CA ILE A 437 25.73 -2.10 -2.14
C ILE A 437 24.87 -2.93 -3.09
N PRO A 438 25.15 -4.24 -3.19
CA PRO A 438 24.37 -5.11 -4.08
C PRO A 438 22.96 -5.39 -3.56
N LEU A 439 21.98 -5.41 -4.47
CA LEU A 439 20.60 -5.69 -4.08
C LEU A 439 20.58 -7.07 -3.42
N PHE A 440 19.87 -7.18 -2.30
CA PHE A 440 19.77 -8.42 -1.55
C PHE A 440 21.15 -8.92 -1.08
N GLY A 441 22.18 -8.12 -1.32
CA GLY A 441 23.52 -8.52 -0.93
C GLY A 441 24.17 -9.48 -1.90
N PHE A 442 23.43 -9.84 -2.96
CA PHE A 442 23.93 -10.76 -3.99
C PHE A 442 25.14 -10.20 -4.73
N GLU A 443 26.33 -10.65 -4.33
CA GLU A 443 27.57 -10.20 -4.96
C GLU A 443 27.63 -10.68 -6.41
N LYS A 444 27.30 -11.94 -6.61
CA LYS A 444 27.34 -12.56 -7.92
C LYS A 444 26.22 -13.56 -8.16
N ILE A 445 25.93 -13.81 -9.42
CA ILE A 445 24.90 -14.78 -9.80
C ILE A 445 25.56 -16.16 -9.83
N HIS A 446 25.01 -17.10 -9.08
CA HIS A 446 25.55 -18.46 -9.06
C HIS A 446 24.73 -19.28 -10.02
N PRO A 447 25.41 -20.09 -10.84
CA PRO A 447 24.73 -20.95 -11.82
C PRO A 447 23.69 -21.89 -11.23
N HIS A 448 22.53 -21.92 -11.89
CA HIS A 448 21.42 -22.78 -11.46
C HIS A 448 21.96 -24.20 -11.32
N PRO A 449 21.58 -24.91 -10.26
CA PRO A 449 22.07 -26.27 -10.08
C PRO A 449 21.66 -27.33 -11.11
N ARG A 450 20.40 -27.29 -11.57
CA ARG A 450 19.94 -28.28 -12.52
C ARG A 450 20.15 -27.95 -14.00
N VAL A 451 19.83 -26.73 -14.42
CA VAL A 451 20.01 -26.37 -15.82
C VAL A 451 20.86 -25.14 -16.12
N GLN A 452 21.83 -25.30 -17.02
CA GLN A 452 22.71 -24.22 -17.42
C GLN A 452 23.06 -24.31 -18.91
N TYR A 453 23.10 -23.15 -19.56
CA TYR A 453 23.43 -23.06 -20.99
C TYR A 453 24.88 -22.58 -21.13
N SER A 454 25.73 -23.43 -21.68
CA SER A 454 27.14 -23.11 -21.82
C SER A 454 27.58 -22.45 -23.13
N LYS A 455 26.92 -22.79 -24.22
CA LYS A 455 27.27 -22.23 -25.52
C LYS A 455 27.06 -20.72 -25.59
N PRO A 456 27.69 -20.06 -26.59
CA PRO A 456 27.60 -18.61 -26.81
C PRO A 456 26.19 -18.06 -27.04
N ILE A 457 26.00 -16.81 -26.63
CA ILE A 457 24.70 -16.14 -26.72
C ILE A 457 24.76 -14.77 -27.36
N CYS A 458 23.70 -14.45 -28.11
CA CYS A 458 23.56 -13.17 -28.76
C CYS A 458 22.27 -12.59 -28.17
N VAL A 459 22.37 -11.39 -27.59
CA VAL A 459 21.22 -10.73 -26.99
C VAL A 459 20.85 -9.47 -27.78
N LEU A 460 19.58 -9.38 -28.18
CA LEU A 460 19.07 -8.23 -28.94
C LEU A 460 18.43 -7.21 -27.99
N ILE A 461 18.94 -6.00 -27.99
CA ILE A 461 18.43 -4.93 -27.12
C ILE A 461 18.05 -3.66 -27.88
N ASN A 462 17.27 -2.79 -27.24
CA ASN A 462 16.89 -1.51 -27.84
C ASN A 462 16.51 -0.44 -26.82
N GLU A 463 16.29 0.79 -27.29
CA GLU A 463 15.97 1.91 -26.40
C GLU A 463 14.67 1.79 -25.59
N GLN A 464 13.97 0.67 -25.71
CA GLN A 464 12.76 0.49 -24.92
C GLN A 464 12.91 -0.69 -23.97
N ASP A 465 14.09 -0.78 -23.37
CA ASP A 465 14.45 -1.78 -22.37
C ASP A 465 14.76 -0.97 -21.12
N PHE A 466 13.99 -1.18 -20.07
CA PHE A 466 14.21 -0.39 -18.88
C PHE A 466 14.49 -1.19 -17.66
N SER A 467 14.90 -0.46 -16.48
CA SER A 467 14.95 -1.34 -15.29
C SER A 467 15.63 -2.64 -15.69
N CYS A 468 15.02 -3.81 -15.08
CA CYS A 468 15.73 -5.05 -15.29
C CYS A 468 16.19 -5.40 -16.70
N ALA A 469 15.63 -4.75 -17.70
CA ALA A 469 16.04 -5.01 -19.07
C ALA A 469 17.32 -4.23 -19.37
N ASP A 470 17.77 -3.44 -18.38
CA ASP A 470 19.01 -2.67 -18.48
C ASP A 470 20.09 -3.59 -17.89
N PHE A 471 19.73 -4.22 -16.77
CA PHE A 471 20.63 -5.12 -16.04
C PHE A 471 20.97 -6.40 -16.77
N PHE A 472 19.97 -6.99 -17.43
CA PHE A 472 20.22 -8.23 -18.16
C PHE A 472 21.42 -8.10 -19.11
N PRO A 473 21.38 -7.15 -20.06
CA PRO A 473 22.52 -7.01 -20.97
C PRO A 473 23.78 -6.50 -20.28
N VAL A 474 23.59 -5.69 -19.24
CA VAL A 474 24.70 -5.13 -18.49
C VAL A 474 25.52 -6.23 -17.80
N VAL A 475 24.82 -7.24 -17.26
CA VAL A 475 25.47 -8.35 -16.57
C VAL A 475 26.19 -9.29 -17.54
N LEU A 476 25.53 -9.61 -18.64
CA LEU A 476 26.12 -10.52 -19.63
C LEU A 476 27.33 -9.90 -20.33
N LYS A 477 27.24 -8.60 -20.63
CA LYS A 477 28.33 -7.90 -21.30
C LYS A 477 29.54 -7.65 -20.39
N ASP A 478 29.28 -7.28 -19.14
CA ASP A 478 30.36 -7.02 -18.19
C ASP A 478 31.11 -8.29 -17.81
N ASN A 479 30.43 -9.44 -17.91
CA ASN A 479 31.05 -10.71 -17.59
C ASN A 479 31.45 -11.48 -18.85
N ASP A 480 31.34 -10.82 -20.00
CA ASP A 480 31.68 -11.40 -21.30
C ASP A 480 31.00 -12.73 -21.57
N ARG A 481 29.74 -12.85 -21.20
CA ARG A 481 28.98 -14.08 -21.42
C ARG A 481 28.25 -14.03 -22.76
N ALA A 482 27.92 -12.83 -23.21
CA ALA A 482 27.17 -12.68 -24.44
C ALA A 482 27.57 -11.51 -25.33
N LEU A 483 27.06 -11.60 -26.56
CA LEU A 483 27.27 -10.60 -27.62
C LEU A 483 26.00 -9.76 -27.55
N ILE A 484 26.15 -8.46 -27.33
CA ILE A 484 25.01 -7.55 -27.22
C ILE A 484 24.83 -6.83 -28.55
N VAL A 485 23.67 -7.04 -29.18
CA VAL A 485 23.39 -6.43 -30.47
C VAL A 485 22.08 -5.63 -30.52
N GLY A 486 22.14 -4.46 -31.15
CA GLY A 486 20.96 -3.62 -31.27
C GLY A 486 21.28 -2.15 -31.02
N THR A 487 20.54 -1.52 -30.11
CA THR A 487 20.76 -0.13 -29.77
C THR A 487 20.67 0.13 -28.26
N ARG A 488 21.47 1.07 -27.80
CA ARG A 488 21.55 1.48 -26.40
C ARG A 488 20.21 1.42 -25.65
N THR A 489 20.23 0.87 -24.44
CA THR A 489 19.04 0.76 -23.62
C THR A 489 18.67 2.11 -22.99
N ALA A 490 17.43 2.21 -22.51
CA ALA A 490 16.91 3.43 -21.90
C ALA A 490 17.71 4.07 -20.77
N GLY A 491 18.29 3.27 -19.89
CA GLY A 491 19.06 3.82 -18.80
C GLY A 491 18.25 4.21 -17.56
N ALA A 492 17.37 3.32 -17.13
CA ALA A 492 16.57 3.55 -15.94
C ALA A 492 17.09 2.57 -14.91
N GLY A 493 18.21 2.91 -14.27
CA GLY A 493 18.81 1.99 -13.31
C GLY A 493 18.86 2.35 -11.84
N GLY A 494 17.74 2.12 -11.15
CA GLY A 494 17.65 2.39 -9.73
C GLY A 494 16.30 1.88 -9.26
N PHE A 495 16.17 1.50 -7.98
CA PHE A 495 14.88 1.01 -7.54
C PHE A 495 13.94 2.17 -7.24
N VAL A 496 12.65 1.91 -7.29
CA VAL A 496 11.67 2.96 -7.09
C VAL A 496 10.73 2.80 -5.91
N PHE A 497 10.26 3.93 -5.41
CA PHE A 497 9.30 3.93 -4.32
C PHE A 497 8.19 4.91 -4.73
N ASN A 498 7.02 4.72 -4.16
CA ASN A 498 5.89 5.54 -4.51
C ASN A 498 5.35 6.28 -3.31
N VAL A 499 5.08 7.56 -3.52
CA VAL A 499 4.56 8.39 -2.45
C VAL A 499 3.15 8.85 -2.79
N GLN A 500 2.28 8.84 -1.78
CA GLN A 500 0.90 9.29 -1.90
C GLN A 500 0.62 10.22 -0.73
N PHE A 501 -0.24 11.22 -0.95
CA PHE A 501 -0.61 12.14 0.12
C PHE A 501 -1.90 12.84 -0.24
N PRO A 502 -2.73 13.16 0.77
CA PRO A 502 -3.99 13.84 0.48
C PRO A 502 -3.73 15.23 -0.09
N ASN A 503 -4.54 15.63 -1.08
CA ASN A 503 -4.38 16.94 -1.71
C ASN A 503 -5.54 17.21 -2.61
N ARG A 504 -5.76 18.49 -2.91
CA ARG A 504 -6.86 18.87 -3.77
C ARG A 504 -6.39 19.23 -5.18
N THR A 505 -5.17 18.85 -5.53
CA THR A 505 -4.66 19.11 -6.88
C THR A 505 -4.90 17.82 -7.68
N GLY A 506 -5.32 16.77 -6.98
CA GLY A 506 -5.60 15.52 -7.65
C GLY A 506 -4.40 14.64 -7.95
N ILE A 507 -3.33 14.79 -7.15
CA ILE A 507 -2.16 13.96 -7.37
C ILE A 507 -2.43 12.59 -6.77
N LYS A 508 -2.28 11.56 -7.59
CA LYS A 508 -2.49 10.19 -7.15
C LYS A 508 -1.22 9.60 -6.57
N THR A 509 -0.19 9.48 -7.39
CA THR A 509 1.08 8.91 -6.96
C THR A 509 2.26 9.65 -7.56
N CYS A 510 3.36 9.66 -6.83
CA CYS A 510 4.59 10.25 -7.30
C CYS A 510 5.65 9.19 -7.08
N SER A 511 6.25 8.69 -8.14
CA SER A 511 7.29 7.68 -8.00
C SER A 511 8.64 8.35 -8.15
N LEU A 512 9.60 7.93 -7.33
CA LEU A 512 10.94 8.49 -7.36
C LEU A 512 11.97 7.36 -7.33
N THR A 513 13.19 7.66 -7.72
CA THR A 513 14.27 6.68 -7.74
C THR A 513 15.05 6.80 -6.44
N GLY A 514 15.14 5.70 -5.70
CA GLY A 514 15.86 5.74 -4.43
C GLY A 514 17.26 5.19 -4.48
N SER A 515 17.75 4.85 -5.68
CA SER A 515 19.10 4.32 -5.79
C SER A 515 19.75 4.63 -7.14
N LEU A 516 21.08 4.56 -7.15
CA LEU A 516 21.87 4.79 -8.36
C LEU A 516 22.69 3.53 -8.60
N ALA A 517 22.33 2.79 -9.65
CA ALA A 517 23.05 1.56 -9.97
C ALA A 517 24.43 1.87 -10.56
N VAL A 518 25.46 1.18 -10.08
CA VAL A 518 26.83 1.38 -10.56
C VAL A 518 27.37 0.07 -11.11
N ARG A 519 28.00 0.13 -12.27
CA ARG A 519 28.59 -1.05 -12.90
C ARG A 519 29.98 -1.30 -12.35
N GLU A 520 30.46 -2.54 -12.48
CA GLU A 520 31.78 -2.92 -11.99
C GLU A 520 32.86 -1.91 -12.31
N HIS A 521 32.86 -1.43 -13.55
CA HIS A 521 33.87 -0.50 -14.01
C HIS A 521 33.66 0.95 -13.54
N GLY A 522 32.63 1.17 -12.72
CA GLY A 522 32.37 2.50 -12.19
C GLY A 522 31.34 3.34 -12.93
N ALA A 523 30.87 2.86 -14.08
CA ALA A 523 29.89 3.65 -14.84
C ALA A 523 28.46 3.51 -14.36
N PHE A 524 27.77 4.63 -14.37
CA PHE A 524 26.37 4.64 -13.97
C PHE A 524 25.54 4.17 -15.14
N ILE A 525 24.36 3.64 -14.83
CA ILE A 525 23.43 3.14 -15.83
C ILE A 525 22.37 4.23 -16.10
N GLU A 526 22.08 5.00 -15.06
CA GLU A 526 21.09 6.09 -15.14
C GLU A 526 21.38 7.07 -16.28
N ASN A 527 20.44 7.19 -17.20
CA ASN A 527 20.56 8.08 -18.37
C ASN A 527 21.52 7.59 -19.44
N ILE A 528 22.51 6.79 -19.05
CA ILE A 528 23.49 6.30 -19.99
C ILE A 528 23.10 4.93 -20.55
N GLY A 529 22.49 4.11 -19.70
CA GLY A 529 22.09 2.79 -20.12
C GLY A 529 23.28 1.95 -20.56
N VAL A 530 23.02 0.94 -21.37
CA VAL A 530 24.08 0.08 -21.84
C VAL A 530 24.21 0.10 -23.36
N GLU A 531 25.45 0.26 -23.80
CA GLU A 531 25.79 0.31 -25.21
C GLU A 531 26.01 -1.10 -25.75
N PRO A 532 25.50 -1.39 -26.97
CA PRO A 532 25.72 -2.74 -27.49
C PRO A 532 27.14 -2.92 -28.05
N HIS A 533 27.50 -4.15 -28.39
CA HIS A 533 28.81 -4.42 -28.97
C HIS A 533 28.71 -3.93 -30.41
N ILE A 534 27.68 -4.40 -31.10
CA ILE A 534 27.43 -4.03 -32.49
C ILE A 534 26.19 -3.16 -32.60
N ASP A 535 26.37 -1.94 -33.11
CA ASP A 535 25.25 -1.03 -33.27
C ASP A 535 24.48 -1.47 -34.51
N LEU A 536 23.24 -1.94 -34.31
CA LEU A 536 22.40 -2.40 -35.41
C LEU A 536 20.99 -1.82 -35.35
N PRO A 537 20.81 -0.56 -35.77
CA PRO A 537 19.48 0.04 -35.73
C PRO A 537 18.60 -0.45 -36.89
N PHE A 538 17.28 -0.35 -36.72
CA PHE A 538 16.33 -0.76 -37.76
C PHE A 538 16.25 0.27 -38.87
N THR A 539 16.59 -0.16 -40.08
CA THR A 539 16.59 0.70 -41.26
C THR A 539 15.20 0.88 -41.87
N ALA A 540 15.05 1.90 -42.72
CA ALA A 540 13.76 2.15 -43.37
C ALA A 540 13.29 0.86 -44.04
N ASN A 541 14.18 0.20 -44.76
CA ASN A 541 13.81 -1.05 -45.43
C ASN A 541 13.28 -2.07 -44.43
N ASP A 542 13.89 -2.10 -43.24
CA ASP A 542 13.46 -3.04 -42.21
C ASP A 542 12.01 -2.80 -41.84
N ILE A 543 11.67 -1.54 -41.60
CA ILE A 543 10.32 -1.17 -41.18
C ILE A 543 9.23 -1.16 -42.26
N ARG A 544 9.45 -0.39 -43.33
CA ARG A 544 8.47 -0.26 -44.42
C ARG A 544 7.92 -1.58 -44.92
N TYR A 545 8.83 -2.52 -45.12
CA TYR A 545 8.51 -3.85 -45.62
C TYR A 545 8.34 -4.84 -44.47
N LYS A 546 8.11 -4.33 -43.26
CA LYS A 546 7.93 -5.14 -42.05
C LYS A 546 8.60 -6.50 -42.08
N GLY A 547 9.79 -6.56 -42.67
CA GLY A 547 10.48 -7.84 -42.74
C GLY A 547 11.79 -7.85 -41.96
N TYR A 548 12.27 -6.68 -41.57
CA TYR A 548 13.53 -6.62 -40.83
C TYR A 548 14.56 -7.56 -41.42
N SER A 549 14.56 -7.67 -42.75
CA SER A 549 15.49 -8.54 -43.45
C SER A 549 16.93 -8.03 -43.32
N GLU A 550 17.14 -6.73 -43.42
CA GLU A 550 18.49 -6.19 -43.27
C GLU A 550 19.00 -6.50 -41.86
N TYR A 551 18.09 -6.44 -40.89
CA TYR A 551 18.45 -6.68 -39.49
C TYR A 551 18.76 -8.15 -39.22
N LEU A 552 17.81 -9.03 -39.54
CA LEU A 552 17.98 -10.46 -39.33
C LEU A 552 19.12 -11.10 -40.09
N ASP A 553 19.51 -10.51 -41.21
CA ASP A 553 20.62 -11.07 -41.97
C ASP A 553 21.90 -10.76 -41.21
N LYS A 554 21.96 -9.58 -40.60
CA LYS A 554 23.14 -9.19 -39.85
C LYS A 554 23.25 -10.01 -38.57
N VAL A 555 22.11 -10.33 -37.97
CA VAL A 555 22.08 -11.11 -36.74
C VAL A 555 22.59 -12.52 -37.06
N LYS A 556 22.04 -13.11 -38.11
CA LYS A 556 22.44 -14.45 -38.52
C LYS A 556 23.93 -14.51 -38.83
N LYS A 557 24.43 -13.49 -39.51
CA LYS A 557 25.84 -13.44 -39.85
C LYS A 557 26.69 -13.35 -38.59
N LEU A 558 26.30 -12.48 -37.67
CA LEU A 558 27.04 -12.34 -36.42
C LEU A 558 27.02 -13.62 -35.60
N VAL A 559 25.92 -14.36 -35.68
CA VAL A 559 25.80 -15.61 -34.93
C VAL A 559 26.83 -16.63 -35.41
N CYS A 560 26.76 -16.97 -36.69
CA CYS A 560 27.68 -17.94 -37.28
C CYS A 560 29.14 -17.66 -36.94
N GLN A 561 29.52 -16.38 -36.88
CA GLN A 561 30.90 -16.04 -36.56
C GLN A 561 31.22 -16.48 -35.13
N LEU A 562 30.18 -16.58 -34.31
CA LEU A 562 30.35 -17.00 -32.92
C LEU A 562 30.38 -18.50 -32.85
N ILE A 563 29.58 -19.16 -33.68
CA ILE A 563 29.57 -20.62 -33.70
C ILE A 563 30.88 -21.10 -34.30
N ASN A 564 31.47 -20.28 -35.17
CA ASN A 564 32.76 -20.62 -35.77
C ASN A 564 33.85 -20.24 -34.78
N ASN A 565 33.42 -19.69 -33.65
CA ASN A 565 34.31 -19.31 -32.57
C ASN A 565 35.55 -18.58 -33.06
N ASP A 566 35.37 -17.71 -34.05
CA ASP A 566 36.48 -16.95 -34.63
C ASP A 566 36.63 -15.56 -34.01
N SER B 1 20.22 22.32 15.29
CA SER B 1 20.44 20.84 15.31
C SER B 1 19.77 20.19 14.11
N LEU B 2 20.48 19.29 13.43
CA LEU B 2 19.93 18.60 12.25
C LEU B 2 18.65 17.82 12.61
N VAL B 3 18.74 17.03 13.68
CA VAL B 3 17.60 16.25 14.15
C VAL B 3 16.44 17.19 14.47
N CYS B 4 16.75 18.31 15.12
CA CYS B 4 15.74 19.28 15.49
C CYS B 4 15.09 19.90 14.26
N LYS B 5 15.88 20.25 13.26
CA LYS B 5 15.33 20.84 12.04
C LYS B 5 14.40 19.83 11.33
N ASN B 6 14.82 18.55 11.29
CA ASN B 6 14.00 17.53 10.65
C ASN B 6 12.64 17.40 11.33
N ALA B 7 12.63 17.38 12.66
CA ALA B 7 11.38 17.25 13.40
C ALA B 7 10.44 18.43 13.20
N LEU B 8 11.00 19.64 13.09
CA LEU B 8 10.18 20.83 12.88
C LEU B 8 9.58 20.84 11.49
N GLN B 9 10.34 20.35 10.51
CA GLN B 9 9.88 20.30 9.13
C GLN B 9 8.77 19.24 9.00
N ASP B 10 8.93 18.12 9.70
CA ASP B 10 7.92 17.07 9.65
C ASP B 10 6.69 17.44 10.48
N LEU B 11 6.90 18.23 11.54
CA LEU B 11 5.79 18.68 12.36
C LEU B 11 4.88 19.54 11.48
N SER B 12 5.48 20.42 10.67
CA SER B 12 4.69 21.29 9.82
C SER B 12 3.92 20.51 8.74
N PHE B 13 4.40 19.31 8.40
CA PHE B 13 3.69 18.51 7.41
C PHE B 13 2.46 17.86 8.04
N LEU B 14 2.63 17.34 9.26
CA LEU B 14 1.54 16.71 9.99
C LEU B 14 0.48 17.75 10.27
N GLU B 15 0.94 18.98 10.51
CA GLU B 15 0.06 20.10 10.78
C GLU B 15 -0.75 20.35 9.53
N HIS B 16 -0.07 20.23 8.39
CA HIS B 16 -0.70 20.43 7.09
C HIS B 16 -1.76 19.36 6.82
N LEU B 17 -1.45 18.11 7.13
CA LEU B 17 -2.40 17.02 6.90
C LEU B 17 -3.70 17.27 7.65
N LEU B 18 -3.57 17.75 8.90
CA LEU B 18 -4.75 18.04 9.71
C LEU B 18 -5.62 19.12 9.09
N GLN B 19 -5.04 19.95 8.24
CA GLN B 19 -5.80 21.01 7.59
C GLN B 19 -6.33 20.60 6.24
N VAL B 20 -6.01 19.37 5.80
CA VAL B 20 -6.48 18.92 4.50
C VAL B 20 -7.49 17.78 4.54
N LYS B 21 -7.17 16.75 5.32
CA LYS B 21 -8.03 15.56 5.40
C LYS B 21 -8.42 15.09 6.80
N TYR B 22 -8.50 15.99 7.77
CA TYR B 22 -8.90 15.59 9.10
C TYR B 22 -10.34 16.06 9.33
N ALA B 23 -11.30 15.21 9.03
CA ALA B 23 -12.71 15.56 9.15
C ALA B 23 -13.16 16.09 10.52
N PRO B 24 -12.72 15.46 11.61
CA PRO B 24 -13.15 15.96 12.92
C PRO B 24 -12.51 17.22 13.46
N LYS B 25 -11.76 17.95 12.62
CA LYS B 25 -11.09 19.18 13.06
C LYS B 25 -12.03 20.19 13.72
N THR B 26 -13.10 20.54 13.03
CA THR B 26 -14.08 21.50 13.56
C THR B 26 -14.69 21.01 14.87
N TRP B 27 -14.92 19.71 14.97
CA TRP B 27 -15.50 19.13 16.16
C TRP B 27 -14.55 19.25 17.35
N LYS B 28 -13.27 19.00 17.10
CA LYS B 28 -12.25 19.07 18.14
C LYS B 28 -12.05 20.47 18.69
N GLU B 29 -12.10 21.47 17.81
CA GLU B 29 -11.91 22.85 18.20
C GLU B 29 -13.05 23.30 19.10
N GLN B 30 -14.26 22.85 18.79
CA GLN B 30 -15.45 23.21 19.55
C GLN B 30 -15.69 22.34 20.79
N TYR B 31 -15.46 21.04 20.67
CA TYR B 31 -15.67 20.12 21.78
C TYR B 31 -14.54 20.15 22.80
N LEU B 32 -13.29 20.13 22.34
CA LEU B 32 -12.13 20.14 23.24
C LEU B 32 -11.53 21.52 23.45
N GLY B 33 -11.75 22.45 22.53
CA GLY B 33 -11.14 23.76 22.66
C GLY B 33 -9.74 23.66 22.09
N TRP B 34 -9.57 22.67 21.22
CA TRP B 34 -8.31 22.39 20.56
C TRP B 34 -7.99 23.45 19.52
N ASP B 35 -6.73 23.86 19.47
CA ASP B 35 -6.29 24.86 18.51
C ASP B 35 -5.04 24.34 17.81
N LEU B 36 -5.16 24.08 16.51
CA LEU B 36 -4.06 23.56 15.69
C LEU B 36 -2.75 24.34 15.86
N VAL B 37 -2.81 25.65 15.68
CA VAL B 37 -1.63 26.50 15.79
C VAL B 37 -0.95 26.49 17.17
N GLN B 38 -1.73 26.75 18.22
CA GLN B 38 -1.19 26.77 19.58
C GLN B 38 -0.55 25.43 19.91
N SER B 39 -1.31 24.37 19.67
CA SER B 39 -0.86 23.01 19.91
C SER B 39 0.45 22.79 19.14
N SER B 40 0.50 23.26 17.90
CA SER B 40 1.69 23.13 17.09
C SER B 40 2.88 23.90 17.68
N VAL B 41 2.65 25.13 18.07
CA VAL B 41 3.71 25.96 18.65
C VAL B 41 4.20 25.34 19.96
N SER B 42 3.26 24.78 20.72
CA SER B 42 3.57 24.14 21.97
C SER B 42 4.56 22.98 21.74
N ALA B 43 4.45 22.32 20.59
CA ALA B 43 5.34 21.20 20.27
C ALA B 43 6.69 21.72 19.77
N GLN B 44 6.66 22.79 18.98
CA GLN B 44 7.87 23.40 18.46
C GLN B 44 8.77 23.83 19.62
N GLN B 45 8.13 24.38 20.66
CA GLN B 45 8.85 24.84 21.85
C GLN B 45 9.61 23.68 22.50
N LYS B 46 8.99 22.52 22.60
CA LYS B 46 9.63 21.38 23.22
C LYS B 46 10.82 20.91 22.40
N LEU B 47 10.70 20.99 21.08
CA LEU B 47 11.76 20.59 20.18
C LEU B 47 12.94 21.57 20.28
N ARG B 48 12.64 22.86 20.20
CA ARG B 48 13.67 23.89 20.25
C ARG B 48 14.34 24.12 21.60
N THR B 49 13.73 23.68 22.69
CA THR B 49 14.33 23.93 23.99
C THR B 49 15.06 22.76 24.61
N GLN B 50 15.35 21.73 23.85
CA GLN B 50 16.05 20.59 24.44
C GLN B 50 17.54 20.82 24.64
N GLU B 51 18.34 20.11 23.87
CA GLU B 51 19.80 20.16 23.91
C GLU B 51 20.19 18.91 23.16
N ASN B 52 20.76 19.10 21.97
CA ASN B 52 21.15 17.97 21.16
C ASN B 52 20.10 16.90 21.39
N PRO B 53 18.83 17.20 21.04
CA PRO B 53 17.72 16.27 21.21
C PRO B 53 17.94 14.99 20.40
N SER B 54 17.43 13.87 20.89
CA SER B 54 17.57 12.60 20.17
C SER B 54 16.39 12.38 19.21
N THR B 55 16.55 11.44 18.29
CA THR B 55 15.48 11.12 17.35
C THR B 55 14.29 10.65 18.21
N SER B 56 14.59 9.85 19.23
CA SER B 56 13.57 9.34 20.14
C SER B 56 12.79 10.48 20.77
N PHE B 57 13.49 11.54 21.18
CA PHE B 57 12.84 12.68 21.80
C PHE B 57 11.83 13.29 20.85
N CYS B 58 12.28 13.52 19.62
CA CYS B 58 11.43 14.12 18.61
C CYS B 58 10.20 13.26 18.31
N GLN B 59 10.38 11.95 18.23
CA GLN B 59 9.26 11.05 17.99
C GLN B 59 8.25 11.19 19.14
N GLN B 60 8.75 11.24 20.36
CA GLN B 60 7.91 11.39 21.54
C GLN B 60 7.09 12.69 21.49
N VAL B 61 7.71 13.77 21.06
CA VAL B 61 7.02 15.05 20.96
C VAL B 61 5.96 15.03 19.84
N LEU B 62 6.27 14.39 18.72
CA LEU B 62 5.32 14.33 17.62
C LEU B 62 4.11 13.47 17.96
N ALA B 63 4.33 12.40 18.71
CA ALA B 63 3.25 11.51 19.12
C ALA B 63 2.34 12.25 20.10
N ASP B 64 2.91 13.08 20.97
CA ASP B 64 2.10 13.85 21.92
C ASP B 64 1.25 14.87 21.14
N PHE B 65 1.82 15.43 20.09
CA PHE B 65 1.12 16.40 19.26
C PHE B 65 -0.16 15.78 18.71
N ILE B 66 -0.01 14.65 18.02
CA ILE B 66 -1.17 13.95 17.46
C ILE B 66 -2.00 13.41 18.62
N GLY B 67 -1.34 13.12 19.73
CA GLY B 67 -2.02 12.63 20.93
C GLY B 67 -2.98 13.65 21.50
N GLY B 68 -2.72 14.93 21.23
CA GLY B 68 -3.57 16.00 21.71
C GLY B 68 -4.93 16.09 21.04
N LEU B 69 -5.13 15.35 19.96
CA LEU B 69 -6.43 15.35 19.26
C LEU B 69 -7.45 14.52 20.01
N ASN B 70 -6.98 13.73 20.99
CA ASN B 70 -7.87 12.89 21.78
C ASN B 70 -8.74 12.07 20.81
N ASP B 71 -8.08 11.47 19.83
CA ASP B 71 -8.75 10.65 18.81
C ASP B 71 -8.07 9.30 18.75
N PHE B 72 -8.84 8.24 18.97
CA PHE B 72 -8.29 6.90 18.95
C PHE B 72 -7.81 6.49 17.56
N HIS B 73 -8.39 7.08 16.52
CA HIS B 73 -7.99 6.78 15.15
C HIS B 73 -6.83 7.62 14.67
N ALA B 74 -6.51 8.68 15.40
CA ALA B 74 -5.42 9.57 15.05
C ALA B 74 -4.17 9.22 15.85
N GLY B 75 -3.12 8.81 15.15
CA GLY B 75 -1.88 8.48 15.82
C GLY B 75 -0.67 8.53 14.90
N VAL B 76 0.50 8.22 15.47
CA VAL B 76 1.73 8.22 14.71
C VAL B 76 2.58 7.05 15.14
N THR B 77 3.04 6.27 14.17
CA THR B 77 3.90 5.13 14.45
C THR B 77 5.25 5.49 13.84
N PHE B 78 6.30 4.91 14.40
CA PHE B 78 7.64 5.20 13.93
C PHE B 78 8.39 3.96 13.59
N PHE B 79 9.47 4.13 12.84
CA PHE B 79 10.36 3.03 12.49
C PHE B 79 11.35 2.96 13.66
N ALA B 80 10.96 2.28 14.72
CA ALA B 80 11.82 2.13 15.90
C ALA B 80 11.43 0.82 16.59
N ILE B 81 12.43 -0.03 16.88
CA ILE B 81 12.13 -1.32 17.50
C ILE B 81 12.20 -1.38 19.02
N GLU B 82 12.77 -0.37 19.67
CA GLU B 82 12.89 -0.40 21.13
C GLU B 82 11.54 -0.62 21.81
N SER B 83 11.54 -1.41 22.88
CA SER B 83 10.32 -1.71 23.61
C SER B 83 10.59 -2.39 24.96
N ALA B 84 9.56 -2.39 25.80
CA ALA B 84 9.66 -2.99 27.11
C ALA B 84 8.25 -3.33 27.59
N TYR B 85 8.07 -4.54 28.08
CA TYR B 85 6.77 -4.96 28.57
C TYR B 85 6.92 -5.81 29.83
N LEU B 86 5.86 -5.86 30.62
CA LEU B 86 5.84 -6.66 31.83
C LEU B 86 4.66 -7.63 31.62
N PRO B 87 4.88 -8.93 31.87
CA PRO B 87 3.86 -9.99 31.70
C PRO B 87 2.71 -9.92 32.69
N TYR B 88 2.09 -8.76 32.79
CA TYR B 88 0.96 -8.57 33.70
C TYR B 88 -0.20 -7.87 33.01
N THR B 89 -1.42 -8.15 33.46
CA THR B 89 -2.60 -7.50 32.92
C THR B 89 -3.46 -7.15 34.13
N VAL B 90 -3.87 -5.90 34.21
CA VAL B 90 -4.65 -5.42 35.34
C VAL B 90 -6.00 -4.95 34.85
N GLN B 91 -6.95 -4.85 35.78
CA GLN B 91 -8.29 -4.37 35.47
C GLN B 91 -8.74 -3.50 36.63
N LYS B 92 -9.35 -2.36 36.30
CA LYS B 92 -9.81 -1.42 37.33
C LYS B 92 -11.28 -1.61 37.70
N SER B 93 -11.55 -1.61 39.01
CA SER B 93 -12.90 -1.78 39.54
C SER B 93 -13.61 -0.44 39.52
N SER B 94 -14.93 -0.47 39.62
CA SER B 94 -15.69 0.77 39.61
C SER B 94 -15.35 1.65 40.80
N ASP B 95 -14.84 1.06 41.88
CA ASP B 95 -14.49 1.86 43.05
C ASP B 95 -13.04 2.35 43.10
N GLY B 96 -12.35 2.29 41.95
CA GLY B 96 -10.99 2.79 41.87
C GLY B 96 -9.80 1.93 42.26
N ARG B 97 -9.98 0.61 42.30
CA ARG B 97 -8.88 -0.28 42.66
C ARG B 97 -8.41 -1.10 41.46
N PHE B 98 -7.11 -1.32 41.37
CA PHE B 98 -6.51 -2.07 40.27
C PHE B 98 -6.07 -3.48 40.68
N TYR B 99 -6.60 -4.51 40.00
CA TYR B 99 -6.24 -5.88 40.33
C TYR B 99 -5.63 -6.64 39.17
N PHE B 100 -4.64 -7.48 39.49
CA PHE B 100 -4.03 -8.30 38.46
C PHE B 100 -5.06 -9.36 38.12
N VAL B 101 -5.33 -9.53 36.84
CA VAL B 101 -6.29 -10.53 36.41
C VAL B 101 -5.60 -11.59 35.58
N ASP B 102 -4.34 -11.34 35.24
CA ASP B 102 -3.59 -12.31 34.46
C ASP B 102 -2.08 -12.10 34.54
N ILE B 103 -1.36 -13.19 34.79
CA ILE B 103 0.10 -13.18 34.90
C ILE B 103 0.61 -14.16 33.84
N MET B 104 1.54 -13.72 33.01
CA MET B 104 2.06 -14.59 31.96
C MET B 104 3.48 -15.07 32.24
N THR B 105 3.73 -15.66 33.42
CA THR B 105 5.09 -16.11 33.74
C THR B 105 5.20 -17.18 34.84
N PHE B 106 6.26 -17.08 35.67
CA PHE B 106 6.50 -18.02 36.76
C PHE B 106 6.03 -17.48 38.11
N SER B 107 5.76 -18.40 39.04
CA SER B 107 5.29 -18.06 40.39
C SER B 107 6.05 -16.89 41.00
N SER B 108 5.71 -15.68 40.58
CA SER B 108 6.34 -14.47 41.08
C SER B 108 5.61 -14.08 42.35
N GLU B 109 6.12 -13.11 43.11
CA GLU B 109 5.40 -12.73 44.32
C GLU B 109 4.10 -12.06 43.92
N ILE B 110 3.85 -11.97 42.62
CA ILE B 110 2.61 -11.36 42.15
C ILE B 110 1.71 -12.43 41.57
N ARG B 111 0.51 -12.51 42.14
CA ARG B 111 -0.47 -13.50 41.73
C ARG B 111 -1.74 -12.80 41.27
N VAL B 112 -2.58 -13.54 40.55
CA VAL B 112 -3.85 -13.02 40.07
C VAL B 112 -4.73 -12.79 41.31
N GLY B 113 -5.30 -11.59 41.42
CA GLY B 113 -6.14 -11.29 42.56
C GLY B 113 -5.50 -10.25 43.47
N ASP B 114 -4.21 -10.05 43.32
CA ASP B 114 -3.48 -9.07 44.12
C ASP B 114 -3.87 -7.68 43.62
N GLU B 115 -3.77 -6.68 44.50
CA GLU B 115 -4.08 -5.32 44.12
C GLU B 115 -2.81 -4.52 43.99
N LEU B 116 -2.72 -3.75 42.90
CA LEU B 116 -1.58 -2.91 42.60
C LEU B 116 -1.79 -1.55 43.27
N LEU B 117 -0.83 -1.14 44.11
CA LEU B 117 -0.92 0.12 44.83
C LEU B 117 -0.01 1.21 44.30
N GLU B 118 1.23 0.85 43.99
CA GLU B 118 2.20 1.82 43.51
C GLU B 118 3.19 1.30 42.49
N VAL B 119 3.78 2.25 41.77
CA VAL B 119 4.80 1.96 40.77
C VAL B 119 5.93 2.93 41.14
N ASP B 120 7.11 2.39 41.47
CA ASP B 120 8.25 3.22 41.88
C ASP B 120 7.88 4.23 42.96
N GLY B 121 7.21 3.76 44.00
CA GLY B 121 6.84 4.64 45.11
C GLY B 121 5.84 5.74 44.81
N ALA B 122 5.10 5.60 43.71
CA ALA B 122 4.10 6.58 43.36
C ALA B 122 2.77 5.83 43.19
N PRO B 123 1.66 6.41 43.69
CA PRO B 123 0.37 5.72 43.54
C PRO B 123 0.01 5.52 42.08
N VAL B 124 -0.43 4.31 41.75
CA VAL B 124 -0.80 3.95 40.38
C VAL B 124 -1.55 5.05 39.62
N GLN B 125 -2.50 5.69 40.29
CA GLN B 125 -3.29 6.73 39.63
C GLN B 125 -2.41 7.91 39.19
N ASP B 126 -1.36 8.20 39.94
CA ASP B 126 -0.49 9.31 39.57
C ASP B 126 0.43 8.93 38.41
N VAL B 127 0.84 7.67 38.36
CA VAL B 127 1.71 7.19 37.29
C VAL B 127 0.92 7.13 35.97
N LEU B 128 -0.37 6.82 36.07
CA LEU B 128 -1.23 6.75 34.89
C LEU B 128 -1.40 8.14 34.35
N ALA B 129 -1.67 9.10 35.24
CA ALA B 129 -1.86 10.47 34.81
C ALA B 129 -0.69 10.94 33.94
N THR B 130 0.53 10.50 34.24
CA THR B 130 1.67 10.93 33.42
C THR B 130 1.59 10.32 32.03
N LEU B 131 0.70 9.34 31.85
CA LEU B 131 0.52 8.69 30.55
C LEU B 131 -0.66 9.28 29.77
N TYR B 132 -1.37 10.24 30.34
CA TYR B 132 -2.51 10.81 29.62
C TYR B 132 -2.09 11.73 28.49
N GLY B 133 -3.02 12.00 27.58
CA GLY B 133 -2.74 12.89 26.47
C GLY B 133 -3.00 14.33 26.89
N SER B 134 -2.47 15.26 26.10
CA SER B 134 -2.60 16.70 26.35
C SER B 134 -4.01 17.24 26.59
N ASN B 135 -5.01 16.64 25.96
CA ASN B 135 -6.40 17.08 26.13
C ASN B 135 -7.30 16.02 26.75
N HIS B 136 -6.76 15.33 27.76
CA HIS B 136 -7.47 14.29 28.49
C HIS B 136 -8.76 14.85 29.10
N LYS B 137 -9.86 14.17 28.83
CA LYS B 137 -11.18 14.56 29.34
C LYS B 137 -11.64 13.75 30.55
N GLY B 138 -10.92 12.68 30.86
CA GLY B 138 -11.28 11.86 32.01
C GLY B 138 -12.29 10.76 31.77
N THR B 139 -12.49 10.36 30.51
CA THR B 139 -13.44 9.30 30.19
C THR B 139 -12.83 7.96 30.60
N ALA B 140 -13.70 6.98 30.83
CA ALA B 140 -13.23 5.65 31.22
C ALA B 140 -12.31 5.12 30.13
N ALA B 141 -12.72 5.36 28.88
CA ALA B 141 -11.98 4.92 27.70
C ALA B 141 -10.53 5.42 27.65
N GLU B 142 -10.31 6.72 27.85
CA GLU B 142 -8.96 7.26 27.83
C GLU B 142 -8.18 6.67 28.99
N GLU B 143 -8.86 6.47 30.10
CA GLU B 143 -8.26 5.92 31.30
C GLU B 143 -7.76 4.49 31.02
N SER B 144 -8.59 3.67 30.39
CA SER B 144 -8.22 2.30 30.08
C SER B 144 -7.09 2.18 29.07
N ALA B 145 -7.10 3.06 28.06
CA ALA B 145 -6.07 3.04 27.04
C ALA B 145 -4.74 3.36 27.69
N ALA B 146 -4.77 4.25 28.69
CA ALA B 146 -3.56 4.62 29.41
C ALA B 146 -3.08 3.42 30.22
N LEU B 147 -4.03 2.72 30.83
CA LEU B 147 -3.73 1.54 31.63
C LEU B 147 -3.03 0.49 30.79
N ARG B 148 -3.52 0.27 29.57
CA ARG B 148 -2.93 -0.71 28.66
C ARG B 148 -1.47 -0.44 28.32
N THR B 149 -1.03 0.82 28.46
CA THR B 149 0.36 1.16 28.16
C THR B 149 1.22 1.16 29.42
N LEU B 150 0.60 0.93 30.57
CA LEU B 150 1.32 0.92 31.84
C LEU B 150 2.40 -0.16 31.84
N PHE B 151 2.10 -1.32 31.25
CA PHE B 151 3.06 -2.43 31.23
C PHE B 151 3.51 -2.84 29.83
N SER B 152 3.36 -1.94 28.85
CA SER B 152 3.73 -2.23 27.48
C SER B 152 4.11 -0.95 26.73
N ARG B 153 5.39 -0.62 26.75
CA ARG B 153 5.89 0.59 26.09
C ARG B 153 6.60 0.24 24.79
N MET B 154 6.37 1.07 23.76
CA MET B 154 6.97 0.87 22.46
C MET B 154 7.43 2.18 21.83
N ALA B 155 8.68 2.22 21.40
CA ALA B 155 9.21 3.42 20.75
C ALA B 155 8.48 3.64 19.42
N SER B 156 7.95 2.57 18.85
CA SER B 156 7.23 2.64 17.58
C SER B 156 5.91 3.37 17.73
N LEU B 157 5.50 3.63 18.96
CA LEU B 157 4.25 4.35 19.24
C LEU B 157 4.52 5.73 19.84
N GLY B 158 5.79 6.00 20.13
CA GLY B 158 6.17 7.28 20.72
C GLY B 158 6.28 7.28 22.23
N HIS B 159 6.29 6.10 22.85
CA HIS B 159 6.40 6.01 24.31
C HIS B 159 7.85 6.15 24.72
N LYS B 160 8.07 6.44 25.99
CA LYS B 160 9.42 6.50 26.52
C LYS B 160 9.52 5.03 26.90
N VAL B 161 10.65 4.39 26.65
CA VAL B 161 10.75 2.99 26.99
C VAL B 161 11.71 2.80 28.14
N PRO B 162 11.23 2.20 29.24
CA PRO B 162 12.11 1.98 30.39
C PRO B 162 12.84 0.65 30.27
N SER B 163 13.92 0.52 31.04
CA SER B 163 14.72 -0.69 31.04
C SER B 163 15.12 -0.98 32.48
N GLY B 164 15.58 -2.21 32.72
CA GLY B 164 15.98 -2.56 34.05
C GLY B 164 14.80 -2.99 34.91
N ARG B 165 14.87 -2.69 36.19
CA ARG B 165 13.81 -3.07 37.10
C ARG B 165 13.01 -1.94 37.71
N THR B 166 11.83 -2.29 38.19
CA THR B 166 10.93 -1.34 38.79
C THR B 166 10.25 -1.97 40.00
N THR B 167 9.75 -1.14 40.90
CA THR B 167 9.07 -1.62 42.09
C THR B 167 7.57 -1.50 41.99
N LEU B 168 6.88 -2.60 42.27
CA LEU B 168 5.43 -2.61 42.28
C LEU B 168 5.04 -2.92 43.73
N LYS B 169 4.24 -2.04 44.31
CA LYS B 169 3.76 -2.26 45.66
C LYS B 169 2.39 -2.92 45.47
N ILE B 170 2.29 -4.19 45.87
CA ILE B 170 1.05 -4.94 45.72
C ILE B 170 0.41 -5.27 47.07
N ARG B 171 -0.90 -5.52 47.06
CA ARG B 171 -1.60 -5.86 48.28
C ARG B 171 -2.24 -7.24 48.16
N ARG B 172 -1.81 -8.16 49.03
CA ARG B 172 -2.37 -9.52 49.03
C ARG B 172 -3.81 -9.43 49.50
N PRO B 173 -4.61 -10.45 49.17
CA PRO B 173 -6.00 -10.46 49.58
C PRO B 173 -6.19 -10.48 51.10
N PHE B 174 -5.21 -10.99 51.85
CA PHE B 174 -5.34 -11.02 53.30
C PHE B 174 -4.68 -9.84 54.02
N GLY B 175 -4.53 -8.73 53.32
CA GLY B 175 -3.96 -7.52 53.91
C GLY B 175 -2.46 -7.30 53.95
N THR B 176 -1.70 -8.29 53.51
CA THR B 176 -0.27 -8.15 53.53
C THR B 176 0.20 -7.34 52.32
N THR B 177 0.93 -6.26 52.59
CA THR B 177 1.44 -5.41 51.55
C THR B 177 2.89 -5.84 51.33
N ARG B 178 3.30 -5.93 50.07
CA ARG B 178 4.67 -6.32 49.74
C ARG B 178 5.18 -5.50 48.58
N GLU B 179 6.42 -5.03 48.67
CA GLU B 179 7.00 -4.28 47.58
C GLU B 179 7.73 -5.33 46.75
N VAL B 180 7.36 -5.46 45.48
CA VAL B 180 7.96 -6.45 44.60
C VAL B 180 8.84 -5.82 43.53
N ARG B 181 9.99 -6.45 43.31
CA ARG B 181 10.98 -6.01 42.33
C ARG B 181 10.80 -6.81 41.04
N VAL B 182 10.37 -6.15 39.97
CA VAL B 182 10.15 -6.83 38.70
C VAL B 182 11.07 -6.30 37.61
N LYS B 183 11.31 -7.12 36.58
CA LYS B 183 12.19 -6.74 35.49
C LYS B 183 11.54 -6.64 34.11
N TRP B 184 11.67 -5.48 33.50
CA TRP B 184 11.11 -5.26 32.18
C TRP B 184 11.71 -6.22 31.15
N ARG B 185 10.89 -6.66 30.20
CA ARG B 185 11.34 -7.49 29.09
C ARG B 185 11.73 -6.40 28.10
N TYR B 186 13.02 -6.12 28.00
CA TYR B 186 13.52 -5.05 27.15
C TYR B 186 14.19 -5.44 25.85
N VAL B 187 13.80 -4.77 24.77
CA VAL B 187 14.39 -4.99 23.46
C VAL B 187 15.06 -3.65 23.12
N PRO B 188 16.40 -3.63 23.04
CA PRO B 188 17.14 -2.41 22.72
C PRO B 188 16.83 -1.84 21.34
N GLU B 189 17.06 -0.54 21.19
CA GLU B 189 16.82 0.10 19.91
C GLU B 189 17.75 -0.42 18.81
N GLY B 190 17.19 -0.68 17.64
CA GLY B 190 18.00 -1.16 16.52
C GLY B 190 18.35 -0.05 15.54
N VAL B 191 17.47 0.94 15.42
CA VAL B 191 17.71 2.05 14.51
C VAL B 191 18.56 3.11 15.19
N GLY B 192 19.80 3.27 14.75
CA GLY B 192 20.68 4.25 15.37
C GLY B 192 20.15 5.66 15.41
N ASP B 193 20.31 6.33 16.54
CA ASP B 193 19.82 7.70 16.67
C ASP B 193 20.56 8.66 15.74
N LEU B 194 19.80 9.39 14.95
CA LEU B 194 20.34 10.34 13.99
C LEU B 194 21.28 11.41 14.56
N ALA B 195 21.06 11.80 15.82
CA ALA B 195 21.89 12.81 16.44
C ALA B 195 23.35 12.37 16.59
N THR B 196 23.55 11.10 16.96
CA THR B 196 24.89 10.53 17.15
C THR B 196 25.67 10.47 15.85
N ILE B 197 24.93 10.34 14.76
CA ILE B 197 25.50 10.22 13.43
C ILE B 197 25.63 11.55 12.69
N ALA B 198 24.79 12.52 13.04
CA ALA B 198 24.78 13.84 12.41
C ALA B 198 26.14 14.44 12.02
N PRO B 199 27.00 14.74 13.01
CA PRO B 199 28.31 15.34 12.66
C PRO B 199 29.18 14.60 11.63
N SER B 200 28.91 13.31 11.42
CA SER B 200 29.70 12.55 10.47
C SER B 200 29.05 12.36 9.09
N ILE B 201 27.93 13.04 8.85
CA ILE B 201 27.23 12.94 7.56
C ILE B 201 27.96 13.72 6.47
N ARG B 202 28.25 13.06 5.34
CA ARG B 202 28.95 13.72 4.23
C ARG B 202 28.07 13.99 3.02
N ALA B 203 28.26 15.15 2.41
CA ALA B 203 27.51 15.54 1.22
C ALA B 203 27.70 14.46 0.15
N PRO B 204 26.66 14.22 -0.66
CA PRO B 204 26.77 13.21 -1.72
C PRO B 204 27.85 13.50 -2.75
N GLN B 205 28.68 12.49 -3.02
CA GLN B 205 29.76 12.59 -4.00
C GLN B 205 29.53 11.54 -5.08
N LEU B 206 29.88 11.86 -6.33
CA LEU B 206 29.68 10.92 -7.43
C LEU B 206 30.80 9.91 -7.68
N GLN B 207 30.52 8.97 -8.58
CA GLN B 207 31.42 7.88 -8.98
C GLN B 207 31.78 6.94 -7.83
N GLY B 252 -9.55 -14.43 27.64
CA GLY B 252 -8.46 -13.51 27.88
C GLY B 252 -8.93 -12.06 27.96
N TYR B 253 -8.07 -11.18 28.44
CA TYR B 253 -8.41 -9.78 28.58
C TYR B 253 -7.98 -8.87 27.45
N ASN B 254 -7.27 -9.44 26.48
CA ASN B 254 -6.80 -8.66 25.34
C ASN B 254 -7.96 -8.18 24.47
N ILE B 255 -7.77 -7.02 23.86
CA ILE B 255 -8.78 -6.47 22.97
C ILE B 255 -8.77 -7.40 21.76
N GLY B 256 -9.94 -7.91 21.39
CA GLY B 256 -10.02 -8.81 20.26
C GLY B 256 -10.00 -10.29 20.64
N SER B 257 -9.88 -10.58 21.93
CA SER B 257 -9.85 -11.96 22.39
C SER B 257 -11.14 -12.66 22.03
N THR B 258 -11.01 -13.86 21.47
CA THR B 258 -12.15 -14.66 21.05
C THR B 258 -13.08 -15.08 22.18
N ASP B 259 -12.50 -15.58 23.27
CA ASP B 259 -13.32 -16.04 24.39
C ASP B 259 -13.75 -14.96 25.38
N GLY B 260 -12.97 -13.90 25.49
CA GLY B 260 -13.32 -12.86 26.45
C GLY B 260 -12.92 -13.34 27.83
N PHE B 261 -13.43 -12.69 28.87
CA PHE B 261 -13.08 -13.06 30.23
C PHE B 261 -14.26 -13.46 31.11
N LEU B 262 -15.47 -13.34 30.59
CA LEU B 262 -16.67 -13.67 31.34
C LEU B 262 -16.93 -15.17 31.47
N PRO B 263 -17.09 -15.67 32.72
CA PRO B 263 -17.35 -17.11 32.91
C PRO B 263 -18.77 -17.43 32.43
N VAL B 264 -19.10 -18.70 32.21
CA VAL B 264 -20.44 -19.06 31.73
C VAL B 264 -21.51 -18.51 32.67
N ILE B 265 -22.69 -18.23 32.12
CA ILE B 265 -23.79 -17.66 32.89
C ILE B 265 -24.66 -18.70 33.60
N GLY B 266 -24.39 -19.97 33.33
CA GLY B 266 -25.18 -21.02 33.97
C GLY B 266 -24.95 -22.33 33.29
N PRO B 267 -25.55 -23.42 33.81
CA PRO B 267 -25.37 -24.75 33.20
C PRO B 267 -25.54 -24.71 31.68
N VAL B 268 -24.58 -25.32 30.98
CA VAL B 268 -24.56 -25.36 29.53
C VAL B 268 -25.24 -26.59 28.94
N ILE B 269 -26.28 -26.36 28.13
CA ILE B 269 -27.00 -27.47 27.51
C ILE B 269 -26.52 -27.68 26.08
N TRP B 270 -25.75 -26.72 25.58
CA TRP B 270 -25.24 -26.81 24.21
C TRP B 270 -24.03 -25.88 24.08
N GLU B 271 -23.12 -26.21 23.16
CA GLU B 271 -21.91 -25.43 22.98
C GLU B 271 -21.35 -25.52 21.56
N SER B 272 -20.97 -24.38 21.01
CA SER B 272 -20.41 -24.35 19.67
C SER B 272 -18.94 -24.75 19.77
N GLU B 273 -18.46 -25.49 18.78
CA GLU B 273 -17.07 -25.94 18.78
C GLU B 273 -16.34 -25.34 17.58
N GLY B 274 -16.78 -24.16 17.17
CA GLY B 274 -16.14 -23.52 16.05
C GLY B 274 -15.29 -22.33 16.46
N LEU B 275 -15.17 -21.38 15.54
CA LEU B 275 -14.41 -20.15 15.74
C LEU B 275 -14.89 -19.35 16.94
N PHE B 276 -16.19 -19.07 16.98
CA PHE B 276 -16.78 -18.29 18.05
C PHE B 276 -17.03 -19.03 19.35
N ARG B 277 -17.12 -18.26 20.44
CA ARG B 277 -17.45 -18.81 21.73
C ARG B 277 -18.95 -18.54 21.78
N ALA B 278 -19.73 -19.60 21.83
CA ALA B 278 -21.18 -19.49 21.88
C ALA B 278 -21.78 -20.72 22.55
N TYR B 279 -22.82 -20.51 23.36
CA TYR B 279 -23.43 -21.62 24.04
C TYR B 279 -24.83 -21.27 24.55
N ILE B 280 -25.57 -22.30 24.96
CA ILE B 280 -26.92 -22.14 25.50
C ILE B 280 -26.92 -22.55 26.97
N SER B 281 -27.47 -21.71 27.84
CA SER B 281 -27.56 -22.01 29.25
C SER B 281 -29.00 -21.86 29.67
N SER B 282 -29.32 -22.38 30.85
CA SER B 282 -30.67 -22.31 31.37
C SER B 282 -30.66 -21.42 32.60
N VAL B 283 -31.31 -20.27 32.48
CA VAL B 283 -31.40 -19.30 33.55
C VAL B 283 -32.77 -19.36 34.23
N THR B 284 -32.79 -19.44 35.55
CA THR B 284 -34.06 -19.49 36.24
C THR B 284 -34.33 -18.10 36.85
N ASP B 285 -35.46 -17.49 36.47
CA ASP B 285 -35.81 -16.17 36.99
C ASP B 285 -36.03 -16.24 38.50
N GLY B 286 -36.50 -15.14 39.08
CA GLY B 286 -36.75 -15.11 40.51
C GLY B 286 -37.94 -15.95 40.92
N ASP B 287 -38.47 -16.72 39.97
CA ASP B 287 -39.63 -17.57 40.22
C ASP B 287 -39.39 -19.03 39.85
N GLY B 288 -38.19 -19.52 40.15
CA GLY B 288 -37.84 -20.90 39.86
C GLY B 288 -38.29 -21.42 38.51
N LYS B 289 -38.52 -20.52 37.56
CA LYS B 289 -38.94 -20.93 36.23
C LYS B 289 -37.78 -20.82 35.25
N SER B 290 -37.34 -21.96 34.72
CA SER B 290 -36.21 -22.01 33.79
C SER B 290 -36.45 -21.40 32.41
N HIS B 291 -35.39 -20.81 31.87
CA HIS B 291 -35.41 -20.18 30.55
C HIS B 291 -34.13 -20.55 29.81
N LYS B 292 -34.24 -20.74 28.51
CA LYS B 292 -33.04 -21.05 27.75
C LYS B 292 -32.52 -19.74 27.14
N VAL B 293 -31.27 -19.44 27.44
CA VAL B 293 -30.67 -18.20 26.97
C VAL B 293 -29.39 -18.42 26.20
N GLY B 294 -29.32 -17.74 25.06
CA GLY B 294 -28.14 -17.86 24.23
C GLY B 294 -27.07 -16.86 24.64
N PHE B 295 -25.82 -17.27 24.44
CA PHE B 295 -24.68 -16.42 24.73
C PHE B 295 -23.71 -16.52 23.58
N LEU B 296 -23.30 -15.37 23.07
CA LEU B 296 -22.37 -15.34 21.95
C LEU B 296 -21.41 -14.15 22.05
N ARG B 297 -20.14 -14.39 21.77
CA ARG B 297 -19.16 -13.31 21.82
C ARG B 297 -18.63 -12.93 20.44
N ILE B 298 -18.77 -11.65 20.11
CA ILE B 298 -18.28 -11.11 18.85
C ILE B 298 -16.98 -10.45 19.28
N PRO B 299 -15.85 -11.09 19.01
CA PRO B 299 -14.53 -10.58 19.40
C PRO B 299 -13.93 -9.44 18.58
N THR B 300 -14.13 -9.45 17.27
CA THR B 300 -13.57 -8.43 16.39
C THR B 300 -14.37 -8.36 15.10
N TYR B 301 -14.13 -7.33 14.30
CA TYR B 301 -14.84 -7.21 13.04
C TYR B 301 -13.89 -7.39 11.87
N SER B 302 -12.60 -7.50 12.16
CA SER B 302 -11.62 -7.75 11.12
C SER B 302 -11.51 -9.26 11.20
N TRP B 303 -12.49 -9.91 10.57
CA TRP B 303 -12.63 -11.35 10.56
C TRP B 303 -11.40 -12.18 10.21
N GLN B 304 -10.58 -11.70 9.29
CA GLN B 304 -9.39 -12.43 8.88
C GLN B 304 -8.36 -12.55 10.00
N ASP B 305 -8.39 -11.62 10.96
CA ASP B 305 -7.43 -11.65 12.06
C ASP B 305 -7.91 -12.48 13.25
N MET B 306 -9.01 -13.19 13.08
CA MET B 306 -9.52 -14.01 14.17
C MET B 306 -8.59 -15.17 14.51
N GLU B 307 -8.43 -15.45 15.80
CA GLU B 307 -7.58 -16.52 16.28
C GLU B 307 -8.11 -17.83 15.70
N ASP B 308 -7.24 -18.55 14.99
CA ASP B 308 -7.58 -19.83 14.37
C ASP B 308 -8.36 -19.72 13.06
N PHE B 309 -8.45 -18.53 12.50
CA PHE B 309 -9.16 -18.37 11.23
C PHE B 309 -8.36 -19.08 10.15
N ASP B 310 -9.04 -19.85 9.31
CA ASP B 310 -8.40 -20.55 8.20
C ASP B 310 -9.00 -20.07 6.90
N PRO B 311 -8.21 -19.39 6.07
CA PRO B 311 -8.70 -18.89 4.78
C PRO B 311 -9.21 -19.94 3.79
N SER B 312 -8.89 -21.21 4.03
CA SER B 312 -9.33 -22.25 3.12
C SER B 312 -10.71 -22.75 3.49
N GLY B 313 -10.99 -22.85 4.79
CA GLY B 313 -12.28 -23.31 5.24
C GLY B 313 -13.37 -22.29 4.99
N PRO B 314 -14.62 -22.57 5.41
CA PRO B 314 -15.74 -21.64 5.21
C PRO B 314 -15.52 -20.36 6.01
N PRO B 315 -15.92 -19.21 5.45
CA PRO B 315 -15.77 -17.91 6.11
C PRO B 315 -16.49 -17.83 7.46
N PRO B 316 -16.04 -16.91 8.34
CA PRO B 316 -16.66 -16.76 9.65
C PRO B 316 -18.14 -16.34 9.69
N TRP B 317 -18.61 -15.68 8.64
CA TRP B 317 -20.02 -15.26 8.62
C TRP B 317 -20.94 -16.44 8.40
N GLU B 318 -20.39 -17.53 7.85
CA GLU B 318 -21.18 -18.72 7.63
C GLU B 318 -21.31 -19.53 8.93
N GLU B 319 -20.28 -19.49 9.77
CA GLU B 319 -20.36 -20.22 11.04
C GLU B 319 -21.23 -19.45 12.02
N PHE B 320 -21.25 -18.13 11.85
CA PHE B 320 -22.03 -17.24 12.69
C PHE B 320 -23.50 -17.54 12.40
N ALA B 321 -23.79 -17.74 11.12
CA ALA B 321 -25.14 -18.04 10.68
C ALA B 321 -25.63 -19.39 11.25
N LYS B 322 -24.75 -20.39 11.29
CA LYS B 322 -25.12 -21.70 11.84
C LYS B 322 -25.46 -21.57 13.32
N ILE B 323 -24.79 -20.67 14.02
CA ILE B 323 -25.05 -20.46 15.44
C ILE B 323 -26.38 -19.75 15.67
N ILE B 324 -26.70 -18.79 14.82
CA ILE B 324 -27.97 -18.06 14.98
C ILE B 324 -29.17 -18.98 14.74
N GLN B 325 -29.07 -19.86 13.75
CA GLN B 325 -30.16 -20.79 13.47
C GLN B 325 -30.47 -21.58 14.75
N VAL B 326 -29.43 -22.18 15.33
CA VAL B 326 -29.58 -22.96 16.56
C VAL B 326 -30.29 -22.08 17.59
N PHE B 327 -29.77 -20.87 17.82
CA PHE B 327 -30.37 -19.93 18.78
C PHE B 327 -31.82 -19.59 18.48
N SER B 328 -32.14 -19.29 17.23
CA SER B 328 -33.53 -18.96 16.87
C SER B 328 -34.44 -20.07 17.35
N SER B 329 -34.07 -21.31 17.03
CA SER B 329 -34.83 -22.48 17.40
C SER B 329 -34.83 -22.86 18.87
N ASN B 330 -33.67 -22.77 19.53
CA ASN B 330 -33.60 -23.20 20.92
C ASN B 330 -33.30 -22.19 22.03
N THR B 331 -33.78 -20.96 21.88
CA THR B 331 -33.51 -19.96 22.89
C THR B 331 -34.65 -18.96 23.00
N GLU B 332 -34.73 -18.26 24.12
CA GLU B 332 -35.79 -17.28 24.33
C GLU B 332 -35.23 -15.85 24.28
N ALA B 333 -33.90 -15.73 24.39
CA ALA B 333 -33.21 -14.45 24.32
C ALA B 333 -31.75 -14.69 23.98
N LEU B 334 -31.04 -13.60 23.67
CA LEU B 334 -29.64 -13.73 23.31
C LEU B 334 -28.78 -12.62 23.92
N ILE B 335 -27.75 -13.05 24.65
CA ILE B 335 -26.79 -12.14 25.27
C ILE B 335 -25.61 -12.10 24.31
N ILE B 336 -25.19 -10.90 23.94
CA ILE B 336 -24.03 -10.78 23.05
C ILE B 336 -22.94 -10.02 23.76
N ASP B 337 -21.82 -10.68 24.01
CA ASP B 337 -20.69 -10.03 24.66
C ASP B 337 -19.86 -9.37 23.57
N GLN B 338 -19.90 -8.04 23.50
CA GLN B 338 -19.14 -7.31 22.49
C GLN B 338 -17.99 -6.48 23.08
N THR B 339 -17.72 -6.64 24.37
CA THR B 339 -16.65 -5.89 25.03
C THR B 339 -15.29 -6.22 24.43
N ASN B 340 -14.29 -5.39 24.75
CA ASN B 340 -12.92 -5.59 24.25
C ASN B 340 -12.88 -6.01 22.78
N ASN B 341 -13.44 -5.16 21.93
CA ASN B 341 -13.50 -5.41 20.50
C ASN B 341 -12.85 -4.19 19.84
N PRO B 342 -11.88 -4.41 18.94
CA PRO B 342 -11.21 -3.28 18.28
C PRO B 342 -11.94 -2.71 17.07
N GLY B 343 -12.87 -3.47 16.52
CA GLY B 343 -13.58 -2.99 15.35
C GLY B 343 -13.01 -3.75 14.18
N GLY B 344 -13.13 -3.19 12.98
CA GLY B 344 -12.61 -3.87 11.81
C GLY B 344 -13.37 -3.50 10.55
N SER B 345 -13.83 -4.49 9.81
CA SER B 345 -14.55 -4.25 8.57
C SER B 345 -16.03 -3.93 8.73
N VAL B 346 -16.46 -2.81 8.13
CA VAL B 346 -17.85 -2.35 8.20
C VAL B 346 -18.83 -3.30 7.51
N LEU B 347 -18.44 -3.81 6.34
CA LEU B 347 -19.31 -4.70 5.59
C LEU B 347 -19.55 -5.98 6.38
N TYR B 348 -18.57 -6.37 7.16
CA TYR B 348 -18.70 -7.56 7.96
C TYR B 348 -19.66 -7.23 9.11
N LEU B 349 -19.49 -6.03 9.66
CA LEU B 349 -20.32 -5.53 10.76
C LEU B 349 -21.77 -5.65 10.27
N TYR B 350 -22.03 -5.14 9.07
CA TYR B 350 -23.37 -5.19 8.50
C TYR B 350 -23.84 -6.63 8.31
N ALA B 351 -22.92 -7.50 7.91
CA ALA B 351 -23.25 -8.90 7.71
C ALA B 351 -23.83 -9.49 9.01
N LEU B 352 -23.16 -9.27 10.13
CA LEU B 352 -23.65 -9.82 11.39
C LEU B 352 -24.97 -9.16 11.81
N LEU B 353 -25.06 -7.85 11.62
CA LEU B 353 -26.28 -7.13 11.98
C LEU B 353 -27.48 -7.67 11.22
N SER B 354 -27.28 -8.04 9.96
CA SER B 354 -28.38 -8.53 9.14
C SER B 354 -28.97 -9.88 9.58
N MET B 355 -28.28 -10.61 10.45
CA MET B 355 -28.79 -11.91 10.92
C MET B 355 -29.41 -11.79 12.32
N LEU B 356 -29.41 -10.58 12.86
CA LEU B 356 -29.96 -10.31 14.18
C LEU B 356 -31.25 -9.49 14.10
N THR B 357 -31.91 -9.54 12.95
CA THR B 357 -33.14 -8.79 12.80
C THR B 357 -34.01 -9.38 11.69
N ASP B 358 -35.29 -9.04 11.72
CA ASP B 358 -36.22 -9.49 10.69
C ASP B 358 -36.90 -8.24 10.15
N ARG B 359 -36.33 -7.09 10.49
CA ARG B 359 -36.83 -5.78 10.05
C ARG B 359 -35.63 -4.90 9.72
N PRO B 360 -35.73 -4.05 8.71
CA PRO B 360 -34.60 -3.18 8.37
C PRO B 360 -34.11 -2.32 9.55
N LEU B 361 -32.81 -2.08 9.60
CA LEU B 361 -32.22 -1.28 10.67
C LEU B 361 -31.59 -0.02 10.07
N GLU B 362 -32.02 1.13 10.57
CA GLU B 362 -31.49 2.42 10.09
C GLU B 362 -30.03 2.59 10.49
N LEU B 363 -29.23 3.08 9.56
CA LEU B 363 -27.81 3.28 9.80
C LEU B 363 -27.42 4.74 9.90
N PRO B 364 -26.37 5.03 10.69
CA PRO B 364 -25.88 6.41 10.86
C PRO B 364 -25.17 6.82 9.57
N LYS B 365 -24.85 8.10 9.43
CA LYS B 365 -24.19 8.61 8.23
C LYS B 365 -22.88 9.31 8.59
N HIS B 366 -22.07 9.62 7.58
CA HIS B 366 -20.77 10.24 7.79
C HIS B 366 -20.54 11.57 7.05
N ARG B 367 -20.09 12.58 7.80
CA ARG B 367 -19.76 13.89 7.21
C ARG B 367 -18.32 13.68 6.71
N MET B 368 -18.07 13.85 5.42
CA MET B 368 -16.74 13.60 4.86
C MET B 368 -16.01 14.81 4.26
N ILE B 369 -14.69 14.69 4.13
CA ILE B 369 -13.86 15.72 3.48
C ILE B 369 -13.56 15.04 2.14
N LEU B 370 -13.91 15.71 1.04
CA LEU B 370 -13.71 15.13 -0.27
C LEU B 370 -12.56 15.73 -1.07
N THR B 371 -11.84 14.86 -1.79
CA THR B 371 -10.75 15.26 -2.67
C THR B 371 -11.01 14.44 -3.93
N GLN B 372 -10.39 14.78 -5.06
CA GLN B 372 -10.67 14.02 -6.28
C GLN B 372 -10.42 12.52 -6.15
N ASP B 373 -9.78 12.12 -5.06
CA ASP B 373 -9.51 10.71 -4.78
C ASP B 373 -10.84 9.98 -4.51
N GLU B 374 -11.70 10.59 -3.69
CA GLU B 374 -13.01 10.02 -3.38
C GLU B 374 -13.92 10.08 -4.60
N VAL B 375 -13.73 11.11 -5.43
CA VAL B 375 -14.53 11.26 -6.62
C VAL B 375 -14.28 10.11 -7.61
N VAL B 376 -13.03 9.67 -7.72
CA VAL B 376 -12.71 8.59 -8.64
C VAL B 376 -13.32 7.28 -8.13
N ASP B 377 -13.37 7.11 -6.81
CA ASP B 377 -14.00 5.91 -6.25
C ASP B 377 -15.48 5.93 -6.61
N ALA B 378 -16.07 7.12 -6.59
CA ALA B 378 -17.47 7.30 -6.93
C ALA B 378 -17.72 6.85 -8.37
N LEU B 379 -16.91 7.36 -9.29
CA LEU B 379 -17.02 7.01 -10.69
C LEU B 379 -16.78 5.52 -10.94
N ASP B 380 -15.84 4.92 -10.20
CA ASP B 380 -15.58 3.48 -10.36
C ASP B 380 -16.83 2.69 -10.04
N TRP B 381 -17.48 3.08 -8.96
CA TRP B 381 -18.72 2.43 -8.54
C TRP B 381 -19.78 2.48 -9.62
N LEU B 382 -20.03 3.68 -10.14
CA LEU B 382 -21.06 3.87 -11.15
C LEU B 382 -20.85 3.07 -12.45
N THR B 383 -19.59 2.95 -12.87
CA THR B 383 -19.30 2.23 -14.11
C THR B 383 -19.37 0.73 -13.92
N LEU B 384 -18.94 0.27 -12.75
CA LEU B 384 -18.96 -1.15 -12.43
C LEU B 384 -20.39 -1.64 -12.40
N LEU B 385 -21.30 -0.79 -11.91
CA LEU B 385 -22.71 -1.15 -11.77
C LEU B 385 -23.60 -0.58 -12.84
N GLU B 386 -22.99 0.02 -13.86
CA GLU B 386 -23.70 0.66 -14.96
C GLU B 386 -24.92 -0.05 -15.51
N ASN B 387 -24.73 -1.27 -16.01
CA ASN B 387 -25.84 -2.03 -16.59
C ASN B 387 -26.46 -3.05 -15.65
N VAL B 388 -26.64 -2.69 -14.39
CA VAL B 388 -27.23 -3.62 -13.42
C VAL B 388 -28.70 -3.32 -13.15
N ASP B 389 -29.58 -4.26 -13.48
CA ASP B 389 -31.02 -4.11 -13.29
C ASP B 389 -31.70 -5.32 -12.64
N THR B 390 -30.93 -6.36 -12.33
CA THR B 390 -31.49 -7.56 -11.72
C THR B 390 -30.61 -8.04 -10.55
N ASN B 391 -31.16 -8.93 -9.72
CA ASN B 391 -30.39 -9.47 -8.61
C ASN B 391 -29.21 -10.30 -9.13
N VAL B 392 -29.42 -11.02 -10.23
CA VAL B 392 -28.35 -11.83 -10.81
C VAL B 392 -27.21 -10.92 -11.27
N GLU B 393 -27.57 -9.84 -11.96
CA GLU B 393 -26.58 -8.88 -12.46
C GLU B 393 -25.75 -8.25 -11.32
N SER B 394 -26.40 -8.00 -10.19
CA SER B 394 -25.73 -7.43 -9.02
C SER B 394 -24.62 -8.36 -8.54
N ARG B 395 -24.93 -9.64 -8.37
CA ARG B 395 -23.96 -10.62 -7.92
C ARG B 395 -22.84 -10.83 -8.94
N LEU B 396 -23.18 -10.81 -10.21
CA LEU B 396 -22.19 -10.98 -11.27
C LEU B 396 -21.14 -9.87 -11.21
N ALA B 397 -21.53 -8.70 -10.72
CA ALA B 397 -20.62 -7.57 -10.62
C ALA B 397 -19.96 -7.40 -9.26
N LEU B 398 -20.73 -7.64 -8.21
CA LEU B 398 -20.24 -7.46 -6.85
C LEU B 398 -19.82 -8.74 -6.14
N GLY B 399 -20.41 -9.85 -6.56
CA GLY B 399 -20.11 -11.12 -5.93
C GLY B 399 -21.36 -11.56 -5.19
N ASP B 400 -21.39 -12.78 -4.67
CA ASP B 400 -22.55 -13.30 -3.95
C ASP B 400 -22.75 -12.52 -2.64
N ASN B 401 -21.63 -12.13 -2.02
CA ASN B 401 -21.69 -11.41 -0.77
C ASN B 401 -20.47 -10.50 -0.62
N MET B 402 -20.61 -9.46 0.17
CA MET B 402 -19.50 -8.56 0.39
C MET B 402 -19.12 -8.70 1.84
N GLU B 403 -18.18 -9.61 2.08
CA GLU B 403 -17.71 -9.92 3.42
C GLU B 403 -18.82 -10.40 4.32
N GLY B 404 -19.71 -11.20 3.74
CA GLY B 404 -20.83 -11.74 4.49
C GLY B 404 -22.15 -11.10 4.13
N TYR B 405 -22.12 -9.82 3.77
CA TYR B 405 -23.36 -9.13 3.44
C TYR B 405 -23.92 -9.58 2.10
N THR B 406 -25.15 -10.07 2.12
CA THR B 406 -25.81 -10.57 0.92
C THR B 406 -25.96 -9.51 -0.18
N VAL B 407 -25.48 -9.83 -1.38
CA VAL B 407 -25.58 -8.92 -2.50
C VAL B 407 -26.90 -9.10 -3.23
N ASP B 408 -27.55 -7.97 -3.51
CA ASP B 408 -28.86 -7.91 -4.18
C ASP B 408 -28.87 -6.71 -5.10
N LEU B 409 -30.02 -6.45 -5.71
CA LEU B 409 -30.18 -5.29 -6.56
C LEU B 409 -30.20 -4.10 -5.59
N GLN B 410 -30.70 -4.33 -4.39
CA GLN B 410 -30.76 -3.28 -3.37
C GLN B 410 -29.33 -2.80 -3.00
N VAL B 411 -28.38 -3.73 -2.92
CA VAL B 411 -26.99 -3.36 -2.60
C VAL B 411 -26.41 -2.54 -3.75
N ALA B 412 -26.64 -2.99 -4.99
CA ALA B 412 -26.14 -2.27 -6.15
C ALA B 412 -26.75 -0.86 -6.22
N GLU B 413 -28.01 -0.73 -5.81
CA GLU B 413 -28.71 0.56 -5.82
C GLU B 413 -28.15 1.52 -4.78
N TYR B 414 -27.72 0.99 -3.65
CA TYR B 414 -27.15 1.79 -2.59
C TYR B 414 -25.80 2.35 -3.03
N LEU B 415 -24.98 1.48 -3.61
CA LEU B 415 -23.65 1.87 -4.07
C LEU B 415 -23.71 2.91 -5.17
N LYS B 416 -24.67 2.77 -6.08
CA LYS B 416 -24.84 3.74 -7.16
C LYS B 416 -25.24 5.08 -6.53
N SER B 417 -26.16 4.99 -5.56
CA SER B 417 -26.66 6.14 -4.84
C SER B 417 -25.46 6.85 -4.17
N PHE B 418 -24.56 6.04 -3.61
CA PHE B 418 -23.34 6.53 -2.97
C PHE B 418 -22.47 7.32 -3.96
N GLY B 419 -22.25 6.76 -5.14
CA GLY B 419 -21.45 7.45 -6.15
C GLY B 419 -22.11 8.74 -6.61
N ARG B 420 -23.43 8.71 -6.78
CA ARG B 420 -24.14 9.91 -7.21
C ARG B 420 -24.05 10.99 -6.14
N GLN B 421 -24.18 10.60 -4.88
CA GLN B 421 -24.09 11.59 -3.82
C GLN B 421 -22.68 12.20 -3.73
N VAL B 422 -21.66 11.38 -3.88
CA VAL B 422 -20.29 11.91 -3.82
C VAL B 422 -20.10 12.91 -4.96
N LEU B 423 -20.51 12.54 -6.17
CA LEU B 423 -20.37 13.45 -7.31
C LEU B 423 -21.18 14.73 -7.13
N ASN B 424 -22.37 14.62 -6.55
CA ASN B 424 -23.18 15.82 -6.36
C ASN B 424 -22.51 16.77 -5.37
N CYS B 425 -22.03 16.24 -4.24
CA CYS B 425 -21.35 17.07 -3.26
C CYS B 425 -20.16 17.77 -3.91
N TRP B 426 -19.40 17.03 -4.70
CA TRP B 426 -18.23 17.60 -5.36
C TRP B 426 -18.60 18.81 -6.23
N SER B 427 -19.56 18.66 -7.15
CA SER B 427 -19.93 19.80 -7.98
C SER B 427 -20.59 20.95 -7.21
N LYS B 428 -21.16 20.67 -6.04
CA LYS B 428 -21.78 21.73 -5.25
C LYS B 428 -20.78 22.44 -4.35
N GLY B 429 -19.57 21.90 -4.24
CA GLY B 429 -18.57 22.53 -3.40
C GLY B 429 -18.68 22.15 -1.94
N ASP B 430 -19.61 21.25 -1.63
CA ASP B 430 -19.82 20.78 -0.25
C ASP B 430 -18.74 19.72 0.00
N ILE B 431 -17.49 20.15 -0.02
CA ILE B 431 -16.37 19.24 0.13
C ILE B 431 -15.47 19.39 1.36
N GLU B 432 -15.72 20.39 2.19
CA GLU B 432 -14.91 20.57 3.38
C GLU B 432 -15.34 19.64 4.51
N LEU B 433 -16.64 19.50 4.68
CA LEU B 433 -17.25 18.62 5.67
C LEU B 433 -18.63 18.34 5.12
N SER B 434 -18.68 17.45 4.14
CA SER B 434 -19.90 17.08 3.42
C SER B 434 -21.18 16.88 4.21
N THR B 435 -22.29 16.88 3.49
CA THR B 435 -23.59 16.61 4.06
C THR B 435 -23.41 15.12 4.49
N PRO B 436 -24.12 14.68 5.54
CA PRO B 436 -23.90 13.26 5.89
C PRO B 436 -24.12 12.27 4.76
N ILE B 437 -23.19 11.35 4.61
CA ILE B 437 -23.25 10.35 3.55
C ILE B 437 -23.07 8.95 4.15
N PRO B 438 -23.93 8.00 3.77
CA PRO B 438 -23.79 6.66 4.35
C PRO B 438 -22.64 5.87 3.68
N LEU B 439 -21.89 5.10 4.46
CA LEU B 439 -20.81 4.31 3.88
C LEU B 439 -21.38 3.32 2.85
N PHE B 440 -20.79 3.31 1.66
CA PHE B 440 -21.23 2.44 0.58
C PHE B 440 -22.64 2.80 0.14
N GLY B 441 -23.15 3.90 0.67
CA GLY B 441 -24.50 4.35 0.34
C GLY B 441 -25.59 3.59 1.07
N PHE B 442 -25.23 2.72 2.02
CA PHE B 442 -26.22 1.93 2.76
C PHE B 442 -27.04 2.74 3.77
N GLU B 443 -28.29 3.03 3.43
CA GLU B 443 -29.16 3.80 4.32
C GLU B 443 -29.65 2.89 5.44
N LYS B 444 -29.75 1.60 5.15
CA LYS B 444 -30.17 0.66 6.16
C LYS B 444 -29.73 -0.76 5.89
N ILE B 445 -29.83 -1.57 6.92
CA ILE B 445 -29.46 -2.97 6.86
C ILE B 445 -30.71 -3.77 6.67
N HIS B 446 -30.71 -4.63 5.68
CA HIS B 446 -31.86 -5.47 5.40
C HIS B 446 -31.63 -6.84 5.98
N PRO B 447 -32.70 -7.45 6.53
CA PRO B 447 -32.53 -8.78 7.12
C PRO B 447 -32.00 -9.84 6.16
N HIS B 448 -30.96 -10.54 6.63
CA HIS B 448 -30.33 -11.61 5.89
C HIS B 448 -31.45 -12.48 5.30
N PRO B 449 -31.24 -13.05 4.10
CA PRO B 449 -32.29 -13.87 3.49
C PRO B 449 -32.62 -15.19 4.20
N ARG B 450 -31.61 -15.86 4.75
CA ARG B 450 -31.86 -17.14 5.40
C ARG B 450 -31.97 -17.14 6.93
N VAL B 451 -31.05 -16.48 7.63
CA VAL B 451 -31.11 -16.48 9.09
C VAL B 451 -31.41 -15.11 9.67
N GLN B 452 -32.33 -15.08 10.63
CA GLN B 452 -32.75 -13.85 11.28
C GLN B 452 -33.16 -14.09 12.73
N TYR B 453 -32.36 -13.62 13.68
CA TYR B 453 -32.70 -13.80 15.08
C TYR B 453 -33.71 -12.68 15.41
N SER B 454 -34.90 -13.05 15.88
CA SER B 454 -35.92 -12.05 16.14
C SER B 454 -36.39 -11.89 17.57
N LYS B 455 -35.74 -12.58 18.50
CA LYS B 455 -36.12 -12.49 19.90
C LYS B 455 -35.28 -11.42 20.60
N PRO B 456 -35.61 -11.08 21.86
CA PRO B 456 -34.84 -10.05 22.56
C PRO B 456 -33.33 -10.28 22.70
N ILE B 457 -32.59 -9.20 22.49
CA ILE B 457 -31.15 -9.22 22.54
C ILE B 457 -30.63 -8.25 23.60
N CYS B 458 -29.60 -8.68 24.32
CA CYS B 458 -28.97 -7.84 25.34
C CYS B 458 -27.48 -7.80 24.96
N VAL B 459 -27.01 -6.62 24.58
CA VAL B 459 -25.60 -6.50 24.21
C VAL B 459 -24.77 -5.93 25.34
N LEU B 460 -23.60 -6.54 25.54
CA LEU B 460 -22.68 -6.10 26.58
C LEU B 460 -21.58 -5.28 25.92
N ILE B 461 -21.38 -4.05 26.40
CA ILE B 461 -20.32 -3.21 25.85
C ILE B 461 -19.45 -2.62 26.96
N ASN B 462 -18.32 -2.05 26.57
CA ASN B 462 -17.43 -1.40 27.54
C ASN B 462 -16.54 -0.35 26.87
N GLU B 463 -15.70 0.31 27.66
CA GLU B 463 -14.83 1.39 27.20
C GLU B 463 -13.76 0.97 26.19
N GLN B 464 -13.64 -0.32 25.95
CA GLN B 464 -12.66 -0.81 25.00
C GLN B 464 -13.31 -1.36 23.73
N ASP B 465 -14.39 -0.69 23.32
CA ASP B 465 -15.10 -0.99 22.06
C ASP B 465 -14.89 0.24 21.17
N PHE B 466 -14.22 0.01 20.04
CA PHE B 466 -13.92 1.09 19.11
C PHE B 466 -14.43 0.88 17.71
N SER B 467 -14.49 2.04 16.84
CA SER B 467 -14.86 1.73 15.46
C SER B 467 -16.13 0.87 15.47
N CYS B 468 -16.12 -0.15 14.43
CA CYS B 468 -17.34 -0.91 14.38
C CYS B 468 -17.96 -1.34 15.69
N ALA B 469 -17.14 -1.49 16.72
CA ALA B 469 -17.65 -1.91 18.03
C ALA B 469 -18.44 -0.77 18.70
N ASP B 470 -18.33 0.44 18.13
CA ASP B 470 -19.07 1.62 18.60
C ASP B 470 -20.40 1.57 17.85
N PHE B 471 -20.30 1.27 16.56
CA PHE B 471 -21.43 1.20 15.64
C PHE B 471 -22.46 0.13 15.95
N PHE B 472 -21.98 -1.07 16.29
CA PHE B 472 -22.87 -2.19 16.59
C PHE B 472 -23.93 -1.79 17.62
N PRO B 473 -23.52 -1.32 18.81
CA PRO B 473 -24.54 -0.93 19.79
C PRO B 473 -25.33 0.33 19.38
N VAL B 474 -24.73 1.20 18.58
CA VAL B 474 -25.41 2.41 18.13
C VAL B 474 -26.65 2.05 17.30
N VAL B 475 -26.44 1.13 16.35
CA VAL B 475 -27.49 0.68 15.44
C VAL B 475 -28.60 -0.08 16.16
N LEU B 476 -28.23 -0.95 17.09
CA LEU B 476 -29.23 -1.71 17.83
C LEU B 476 -29.95 -0.82 18.82
N LYS B 477 -29.24 0.15 19.38
CA LYS B 477 -29.85 1.05 20.34
C LYS B 477 -30.82 2.00 19.65
N ASP B 478 -30.37 2.69 18.61
CA ASP B 478 -31.21 3.65 17.91
C ASP B 478 -32.41 3.08 17.18
N ASN B 479 -32.37 1.78 16.88
CA ASN B 479 -33.49 1.14 16.20
C ASN B 479 -34.29 0.34 17.24
N ASP B 480 -33.95 0.51 18.51
CA ASP B 480 -34.67 -0.19 19.58
C ASP B 480 -34.73 -1.69 19.35
N ARG B 481 -33.60 -2.30 18.98
CA ARG B 481 -33.57 -3.73 18.72
C ARG B 481 -33.02 -4.50 19.91
N ALA B 482 -32.19 -3.85 20.73
CA ALA B 482 -31.60 -4.53 21.87
C ALA B 482 -31.37 -3.67 23.11
N LEU B 483 -31.22 -4.34 24.25
CA LEU B 483 -30.94 -3.69 25.52
C LEU B 483 -29.40 -3.58 25.58
N ILE B 484 -28.90 -2.35 25.71
CA ILE B 484 -27.46 -2.13 25.77
C ILE B 484 -27.03 -2.07 27.25
N VAL B 485 -26.01 -2.85 27.60
CA VAL B 485 -25.54 -2.92 28.99
C VAL B 485 -24.03 -2.88 29.16
N GLY B 486 -23.58 -2.19 30.21
CA GLY B 486 -22.16 -2.09 30.48
C GLY B 486 -21.71 -0.67 30.74
N THR B 487 -20.68 -0.23 30.05
CA THR B 487 -20.20 1.13 30.20
C THR B 487 -20.00 1.75 28.83
N ARG B 488 -20.16 3.07 28.76
CA ARG B 488 -20.00 3.88 27.54
C ARG B 488 -18.84 3.41 26.65
N THR B 489 -19.05 3.37 25.33
CA THR B 489 -18.00 2.94 24.40
C THR B 489 -16.98 4.05 24.13
N ALA B 490 -15.86 3.70 23.49
CA ALA B 490 -14.77 4.63 23.22
C ALA B 490 -15.04 5.88 22.40
N GLY B 491 -15.98 5.82 21.47
CA GLY B 491 -16.29 7.01 20.67
C GLY B 491 -15.36 7.29 19.50
N ALA B 492 -14.94 6.24 18.80
CA ALA B 492 -14.06 6.37 17.64
C ALA B 492 -14.91 6.32 16.36
N GLY B 493 -15.60 7.42 16.05
CA GLY B 493 -16.47 7.47 14.89
C GLY B 493 -15.99 8.19 13.64
N GLY B 494 -15.42 7.41 12.73
CA GLY B 494 -14.93 7.95 11.48
C GLY B 494 -13.95 6.97 10.87
N PHE B 495 -13.94 6.83 9.54
CA PHE B 495 -13.00 5.89 8.93
C PHE B 495 -11.59 6.49 8.90
N VAL B 496 -10.62 5.61 8.96
CA VAL B 496 -9.22 6.01 8.99
C VAL B 496 -8.57 5.93 7.64
N PHE B 497 -7.49 6.66 7.48
CA PHE B 497 -6.71 6.61 6.26
C PHE B 497 -5.29 6.87 6.74
N ASN B 498 -4.35 6.11 6.19
CA ASN B 498 -2.96 6.23 6.60
C ASN B 498 -2.13 6.97 5.57
N VAL B 499 -1.16 7.74 6.06
CA VAL B 499 -0.29 8.50 5.20
C VAL B 499 1.17 8.17 5.51
N GLN B 500 1.92 7.86 4.46
CA GLN B 500 3.34 7.57 4.59
C GLN B 500 4.09 8.60 3.74
N PHE B 501 5.26 9.02 4.19
CA PHE B 501 6.05 9.96 3.43
C PHE B 501 7.50 9.83 3.87
N PRO B 502 8.44 9.98 2.93
CA PRO B 502 9.86 9.85 3.29
C PRO B 502 10.33 10.97 4.23
N ASN B 503 11.09 10.58 5.25
CA ASN B 503 11.59 11.57 6.21
C ASN B 503 12.71 10.94 7.04
N ARG B 504 13.43 11.79 7.75
CA ARG B 504 14.54 11.33 8.58
C ARG B 504 14.24 11.48 10.06
N THR B 505 12.96 11.56 10.41
CA THR B 505 12.56 11.69 11.79
C THR B 505 12.04 10.32 12.25
N GLY B 506 12.03 9.36 11.33
CA GLY B 506 11.58 8.03 11.68
C GLY B 506 10.06 7.80 11.63
N ILE B 507 9.31 8.72 11.02
CA ILE B 507 7.87 8.55 10.95
C ILE B 507 7.53 7.50 9.89
N LYS B 508 6.74 6.52 10.30
CA LYS B 508 6.32 5.44 9.44
C LYS B 508 4.91 5.66 8.91
N THR B 509 3.97 5.86 9.82
CA THR B 509 2.60 6.09 9.42
C THR B 509 1.91 7.06 10.32
N CYS B 510 1.14 7.93 9.71
CA CYS B 510 0.35 8.88 10.46
C CYS B 510 -1.05 8.54 9.99
N SER B 511 -1.91 8.10 10.91
CA SER B 511 -3.27 7.76 10.54
C SER B 511 -4.20 8.89 10.96
N LEU B 512 -5.20 9.15 10.13
CA LEU B 512 -6.14 10.21 10.39
C LEU B 512 -7.56 9.76 10.11
N THR B 513 -8.51 10.44 10.72
CA THR B 513 -9.92 10.14 10.54
C THR B 513 -10.41 10.97 9.35
N GLY B 514 -11.01 10.32 8.37
CA GLY B 514 -11.49 11.04 7.21
C GLY B 514 -12.97 11.37 7.25
N SER B 515 -13.63 11.02 8.36
CA SER B 515 -15.05 11.29 8.49
C SER B 515 -15.50 11.51 9.92
N LEU B 516 -16.71 12.03 10.06
CA LEU B 516 -17.32 12.31 11.36
C LEU B 516 -18.68 11.62 11.32
N ALA B 517 -18.83 10.50 12.02
CA ALA B 517 -20.10 9.79 12.04
C ALA B 517 -21.15 10.59 12.82
N VAL B 518 -22.41 10.51 12.37
CA VAL B 518 -23.52 11.20 12.99
C VAL B 518 -24.68 10.20 13.09
N ARG B 519 -25.35 10.18 14.24
CA ARG B 519 -26.47 9.26 14.45
C ARG B 519 -27.78 9.83 13.91
N GLU B 520 -28.76 8.95 13.72
CA GLU B 520 -30.08 9.35 13.20
C GLU B 520 -30.51 10.71 13.73
N HIS B 521 -30.48 10.84 15.05
CA HIS B 521 -30.92 12.06 15.73
C HIS B 521 -29.98 13.25 15.82
N GLY B 522 -28.85 13.19 15.10
CA GLY B 522 -27.93 14.32 15.11
C GLY B 522 -26.67 14.22 15.94
N ALA B 523 -26.67 13.37 16.96
CA ALA B 523 -25.50 13.21 17.82
C ALA B 523 -24.27 12.62 17.12
N PHE B 524 -23.11 13.21 17.37
CA PHE B 524 -21.87 12.72 16.79
C PHE B 524 -21.41 11.57 17.67
N ILE B 525 -20.63 10.66 17.10
CA ILE B 525 -20.12 9.54 17.87
C ILE B 525 -18.71 9.86 18.40
N GLU B 526 -17.92 10.59 17.61
CA GLU B 526 -16.57 10.98 17.98
C GLU B 526 -16.53 11.56 19.40
N ASN B 527 -15.70 10.96 20.26
CA ASN B 527 -15.52 11.36 21.66
C ASN B 527 -16.66 11.05 22.62
N ILE B 528 -17.89 11.00 22.11
CA ILE B 528 -19.05 10.73 22.96
C ILE B 528 -19.33 9.23 23.14
N GLY B 529 -19.26 8.48 22.05
CA GLY B 529 -19.50 7.06 22.11
C GLY B 529 -20.97 6.76 22.33
N VAL B 530 -21.26 5.53 22.70
CA VAL B 530 -22.62 5.13 22.95
C VAL B 530 -22.80 4.83 24.43
N GLU B 531 -23.78 5.48 25.02
CA GLU B 531 -24.09 5.29 26.42
C GLU B 531 -24.97 4.03 26.53
N PRO B 532 -24.74 3.19 27.53
CA PRO B 532 -25.59 1.99 27.62
C PRO B 532 -26.95 2.32 28.24
N HIS B 533 -27.95 1.46 28.03
CA HIS B 533 -29.27 1.65 28.63
C HIS B 533 -29.12 1.53 30.16
N ILE B 534 -28.33 0.54 30.59
CA ILE B 534 -28.10 0.31 32.00
C ILE B 534 -26.61 0.40 32.28
N ASP B 535 -26.19 1.36 33.08
CA ASP B 535 -24.76 1.49 33.38
C ASP B 535 -24.44 0.37 34.35
N LEU B 536 -23.53 -0.52 33.96
CA LEU B 536 -23.17 -1.65 34.80
C LEU B 536 -21.66 -1.91 34.76
N PRO B 537 -20.90 -1.20 35.61
CA PRO B 537 -19.45 -1.37 35.66
C PRO B 537 -19.10 -2.62 36.46
N PHE B 538 -17.85 -3.05 36.37
CA PHE B 538 -17.38 -4.21 37.11
C PHE B 538 -16.96 -3.74 38.50
N THR B 539 -17.35 -4.51 39.51
CA THR B 539 -17.02 -4.17 40.87
C THR B 539 -15.73 -4.83 41.31
N ALA B 540 -15.24 -4.44 42.48
CA ALA B 540 -14.02 -5.02 42.99
C ALA B 540 -14.23 -6.52 43.17
N ASN B 541 -15.41 -6.90 43.68
CA ASN B 541 -15.73 -8.32 43.88
C ASN B 541 -15.76 -9.13 42.57
N ASP B 542 -16.31 -8.56 41.50
CA ASP B 542 -16.37 -9.23 40.19
C ASP B 542 -14.95 -9.59 39.74
N ILE B 543 -14.06 -8.60 39.83
CA ILE B 543 -12.66 -8.72 39.42
C ILE B 543 -11.76 -9.48 40.40
N ARG B 544 -11.81 -9.08 41.67
CA ARG B 544 -10.97 -9.69 42.70
C ARG B 544 -11.02 -11.22 42.74
N TYR B 545 -12.15 -11.81 42.39
CA TYR B 545 -12.27 -13.27 42.41
C TYR B 545 -12.44 -13.83 41.00
N LYS B 546 -12.38 -12.95 40.02
CA LYS B 546 -12.55 -13.31 38.60
C LYS B 546 -13.83 -14.11 38.37
N GLY B 547 -14.83 -13.85 39.19
CA GLY B 547 -16.10 -14.52 39.06
C GLY B 547 -17.16 -13.65 38.38
N TYR B 548 -16.98 -12.33 38.41
CA TYR B 548 -17.94 -11.40 37.81
C TYR B 548 -19.36 -11.81 38.12
N SER B 549 -19.58 -12.39 39.29
CA SER B 549 -20.91 -12.85 39.65
C SER B 549 -21.93 -11.77 39.89
N GLU B 550 -21.51 -10.59 40.33
CA GLU B 550 -22.46 -9.52 40.57
C GLU B 550 -22.87 -8.91 39.23
N TYR B 551 -21.95 -8.98 38.28
CA TYR B 551 -22.20 -8.46 36.95
C TYR B 551 -23.12 -9.42 36.19
N LEU B 552 -22.79 -10.71 36.25
CA LEU B 552 -23.59 -11.71 35.57
C LEU B 552 -24.97 -11.87 36.18
N ASP B 553 -25.04 -11.75 37.50
CA ASP B 553 -26.32 -11.87 38.18
C ASP B 553 -27.23 -10.74 37.72
N LYS B 554 -26.63 -9.57 37.52
CA LYS B 554 -27.38 -8.41 37.08
C LYS B 554 -27.85 -8.69 35.65
N VAL B 555 -26.93 -9.17 34.81
CA VAL B 555 -27.28 -9.46 33.43
C VAL B 555 -28.40 -10.49 33.34
N LYS B 556 -28.33 -11.55 34.14
CA LYS B 556 -29.38 -12.55 34.09
C LYS B 556 -30.75 -11.99 34.47
N LYS B 557 -30.83 -11.10 35.44
CA LYS B 557 -32.11 -10.53 35.81
C LYS B 557 -32.73 -9.75 34.65
N LEU B 558 -31.94 -8.87 34.05
CA LEU B 558 -32.41 -8.05 32.94
C LEU B 558 -32.96 -8.92 31.83
N VAL B 559 -32.22 -9.97 31.48
CA VAL B 559 -32.64 -10.86 30.42
C VAL B 559 -33.98 -11.48 30.76
N CYS B 560 -34.12 -11.98 31.99
CA CYS B 560 -35.38 -12.56 32.42
C CYS B 560 -36.53 -11.57 32.27
N GLN B 561 -36.27 -10.30 32.59
CA GLN B 561 -37.32 -9.29 32.44
C GLN B 561 -37.65 -9.13 30.96
N LEU B 562 -36.65 -9.23 30.10
CA LEU B 562 -36.89 -9.12 28.67
C LEU B 562 -37.82 -10.25 28.22
N ILE B 563 -37.54 -11.47 28.67
CA ILE B 563 -38.36 -12.63 28.32
C ILE B 563 -39.80 -12.48 28.82
N ASN B 564 -39.95 -12.34 30.14
CA ASN B 564 -41.26 -12.18 30.76
C ASN B 564 -41.89 -10.89 30.23
N ASN B 565 -41.08 -10.11 29.52
CA ASN B 565 -41.48 -8.86 28.89
C ASN B 565 -42.32 -7.92 29.77
N ASP B 566 -42.16 -8.03 31.09
CA ASP B 566 -42.93 -7.19 32.02
C ASP B 566 -42.48 -5.74 32.12
#